data_4RSM
#
_entry.id   4RSM
#
_cell.length_a   62.723
_cell.length_b   128.288
_cell.length_c   66.579
_cell.angle_alpha   90.00
_cell.angle_beta   93.05
_cell.angle_gamma   90.00
#
_symmetry.space_group_name_H-M   'P 1 21 1'
#
loop_
_entity.id
_entity.type
_entity.pdbx_description
1 polymer 'Periplasmic binding protein/LacI transcriptional regulator'
2 non-polymer D-Threitol
3 water water
#
_entity_poly.entity_id   1
_entity_poly.type   'polypeptide(L)'
_entity_poly.pdbx_seq_one_letter_code
;SMAGDPAANSDTTRIGVTVYDMSSFITAGKEGMDAYAKDNNIELIWNSANLDVSTQASQVDSMINQGVDAIIVVPVQADS
LAPQVASAKAKGIPLVPVNAALDSKDIAGNVQPDDVAAGAQEMQMMADRLGGKGNIVILQGPLGQSGELDRSKGIEQVLA
KYPDIKVLAKDTANWKRDEAVNKMKNWISGFGPQIDGVVAQNDDMGLGALQALKESGRTGVPIVGIDGIEDGLNAVKSGD
FIGTSLQNGTVELAAGLAVANRLAKGEPVNKEPVYIMPAITKDNVDVAIEHVVTERQQFLDGLTELINKNLETGDIAYEG
IPGQKQP
;
_entity_poly.pdbx_strand_id   A,B,C,D
#
loop_
_chem_comp.id
_chem_comp.type
_chem_comp.name
_chem_comp.formula
3VB non-polymer D-Threitol 'C4 H10 O4'
#
# COMPACT_ATOMS: atom_id res chain seq x y z
N ASP A 11 30.03 -25.04 21.25
CA ASP A 11 29.97 -23.73 20.54
C ASP A 11 28.54 -23.35 20.11
N THR A 12 28.45 -22.09 19.68
CA THR A 12 27.18 -21.45 19.37
C THR A 12 26.56 -22.02 18.14
N THR A 13 25.31 -22.42 18.27
CA THR A 13 24.55 -22.95 17.15
CA THR A 13 24.53 -22.97 17.18
C THR A 13 23.82 -21.78 16.51
N ARG A 14 24.09 -21.54 15.23
CA ARG A 14 23.51 -20.44 14.51
C ARG A 14 22.28 -20.92 13.75
N ILE A 15 21.13 -20.39 14.11
CA ILE A 15 19.89 -20.80 13.48
C ILE A 15 19.28 -19.56 12.77
N GLY A 16 19.08 -19.63 11.46
CA GLY A 16 18.42 -18.54 10.73
C GLY A 16 16.92 -18.65 10.93
N VAL A 17 16.24 -17.51 10.99
CA VAL A 17 14.81 -17.46 11.14
C VAL A 17 14.28 -16.41 10.15
N THR A 18 13.56 -16.85 9.13
CA THR A 18 12.92 -15.94 8.18
C THR A 18 11.40 -16.08 8.28
N VAL A 19 10.77 -15.00 8.78
CA VAL A 19 9.34 -14.98 8.98
C VAL A 19 8.64 -14.23 7.87
N TYR A 20 7.38 -14.56 7.62
CA TYR A 20 6.59 -13.88 6.58
C TYR A 20 6.47 -12.39 6.83
N ASP A 21 6.32 -11.99 8.10
CA ASP A 21 6.14 -10.61 8.50
C ASP A 21 6.21 -10.55 10.03
N MET A 22 6.34 -9.33 10.57
CA MET A 22 6.39 -9.09 12.00
C MET A 22 4.97 -8.83 12.48
N SER A 23 4.18 -9.88 12.37
CA SER A 23 2.83 -9.86 12.91
C SER A 23 2.83 -9.77 14.44
N SER A 24 1.67 -9.48 15.03
CA SER A 24 1.58 -9.48 16.51
C SER A 24 2.00 -10.83 17.11
N PHE A 25 1.52 -11.92 16.51
CA PHE A 25 1.87 -13.26 16.92
C PHE A 25 3.38 -13.49 16.91
N ILE A 26 4.04 -13.19 15.78
CA ILE A 26 5.46 -13.41 15.65
C ILE A 26 6.26 -12.50 16.57
N THR A 27 5.85 -11.25 16.65
CA THR A 27 6.57 -10.29 17.47
C THR A 27 6.57 -10.71 18.96
N ALA A 28 5.40 -11.16 19.46
CA ALA A 28 5.34 -11.60 20.86
C ALA A 28 6.08 -12.94 21.03
N GLY A 29 5.85 -13.84 20.09
CA GLY A 29 6.44 -15.19 20.14
C GLY A 29 7.94 -15.23 20.20
N LYS A 30 8.56 -14.29 19.51
CA LYS A 30 10.02 -14.24 19.44
C LYS A 30 10.67 -14.22 20.85
N GLU A 31 10.00 -13.65 21.84
CA GLU A 31 10.56 -13.62 23.19
C GLU A 31 10.79 -15.04 23.74
N GLY A 32 9.93 -15.98 23.37
CA GLY A 32 10.08 -17.39 23.74
C GLY A 32 11.31 -17.97 23.07
N MET A 33 11.48 -17.64 21.80
CA MET A 33 12.65 -18.11 21.08
C MET A 33 13.90 -17.57 21.78
N ASP A 34 13.87 -16.27 22.12
CA ASP A 34 15.06 -15.65 22.77
C ASP A 34 15.42 -16.37 24.07
N ALA A 35 14.39 -16.67 24.87
CA ALA A 35 14.59 -17.28 26.13
C ALA A 35 15.20 -18.71 26.00
N TYR A 36 14.64 -19.52 25.11
CA TYR A 36 15.18 -20.85 24.87
C TYR A 36 16.59 -20.74 24.33
N ALA A 37 16.80 -19.77 23.46
CA ALA A 37 18.16 -19.64 22.83
C ALA A 37 19.23 -19.26 23.84
N LYS A 38 18.92 -18.36 24.80
CA LYS A 38 19.82 -18.01 25.87
C LYS A 38 20.19 -19.22 26.75
N ASP A 39 19.24 -20.12 26.96
CA ASP A 39 19.47 -21.30 27.77
C ASP A 39 20.23 -22.41 27.05
N ASN A 40 20.45 -22.24 25.74
CA ASN A 40 21.02 -23.28 24.91
C ASN A 40 22.11 -22.82 23.97
N ASN A 41 22.60 -21.61 24.20
CA ASN A 41 23.71 -21.08 23.38
C ASN A 41 23.39 -21.14 21.90
N ILE A 42 22.21 -20.65 21.57
CA ILE A 42 21.78 -20.49 20.17
C ILE A 42 21.80 -18.99 19.82
N GLU A 43 22.34 -18.69 18.65
CA GLU A 43 22.31 -17.36 18.06
C GLU A 43 21.30 -17.37 16.92
N LEU A 44 20.33 -16.46 16.98
CA LEU A 44 19.31 -16.35 15.96
C LEU A 44 19.73 -15.32 14.93
N ILE A 45 19.59 -15.67 13.67
CA ILE A 45 19.90 -14.79 12.57
C ILE A 45 18.58 -14.48 11.93
N TRP A 46 18.10 -13.24 12.17
CA TRP A 46 16.70 -12.90 11.94
C TRP A 46 16.46 -12.21 10.62
N ASN A 47 15.29 -12.47 10.01
CA ASN A 47 14.88 -11.66 8.88
C ASN A 47 13.36 -11.77 8.71
N SER A 48 12.75 -10.73 8.16
CA SER A 48 11.33 -10.70 7.91
C SER A 48 11.09 -10.36 6.44
N ALA A 49 10.09 -11.02 5.83
CA ALA A 49 10.01 -11.02 4.37
C ALA A 49 8.93 -10.15 3.75
N ASN A 50 8.24 -9.32 4.55
CA ASN A 50 7.29 -8.34 3.99
C ASN A 50 6.16 -8.98 3.17
N LEU A 51 5.78 -10.21 3.52
CA LEU A 51 4.74 -10.96 2.80
C LEU A 51 5.07 -11.14 1.33
N ASP A 52 6.35 -11.21 1.06
CA ASP A 52 6.87 -11.34 -0.31
C ASP A 52 7.63 -12.65 -0.46
N VAL A 53 7.06 -13.55 -1.25
CA VAL A 53 7.66 -14.88 -1.44
C VAL A 53 9.05 -14.80 -2.03
N SER A 54 9.26 -13.99 -3.06
CA SER A 54 10.59 -13.90 -3.67
C SER A 54 11.62 -13.35 -2.64
N THR A 55 11.19 -12.44 -1.77
CA THR A 55 12.10 -11.92 -0.76
C THR A 55 12.46 -13.03 0.24
N GLN A 56 11.47 -13.78 0.70
CA GLN A 56 11.75 -14.86 1.57
C GLN A 56 12.70 -15.89 0.95
N ALA A 57 12.47 -16.18 -0.32
CA ALA A 57 13.38 -17.09 -1.05
C ALA A 57 14.80 -16.58 -0.98
N SER A 58 15.01 -15.30 -1.29
CA SER A 58 16.35 -14.72 -1.23
C SER A 58 16.97 -14.79 0.19
N GLN A 59 16.12 -14.62 1.21
CA GLN A 59 16.56 -14.68 2.61
C GLN A 59 17.02 -16.11 3.03
N VAL A 60 16.30 -17.12 2.55
CA VAL A 60 16.70 -18.50 2.79
C VAL A 60 18.02 -18.72 2.06
N ASP A 61 18.11 -18.27 0.81
CA ASP A 61 19.37 -18.47 0.06
C ASP A 61 20.57 -17.88 0.78
N SER A 62 20.40 -16.66 1.29
CA SER A 62 21.41 -15.99 2.08
C SER A 62 21.84 -16.74 3.33
N MET A 63 20.91 -17.27 4.08
CA MET A 63 21.19 -18.07 5.27
C MET A 63 21.95 -19.33 4.90
N ILE A 64 21.58 -19.97 3.79
CA ILE A 64 22.34 -21.11 3.29
C ILE A 64 23.76 -20.69 2.99
N ASN A 65 23.95 -19.58 2.29
CA ASN A 65 25.30 -19.15 1.93
CA ASN A 65 25.30 -19.13 1.93
C ASN A 65 26.17 -18.79 3.14
N GLN A 66 25.52 -18.32 4.19
CA GLN A 66 26.16 -18.00 5.48
C GLN A 66 26.55 -19.25 6.29
N GLY A 67 26.11 -20.43 5.85
CA GLY A 67 26.45 -21.66 6.52
C GLY A 67 25.92 -21.73 7.92
N VAL A 68 24.71 -21.24 8.13
CA VAL A 68 24.04 -21.48 9.42
C VAL A 68 23.86 -22.98 9.68
N ASP A 69 23.57 -23.36 10.93
CA ASP A 69 23.47 -24.77 11.32
C ASP A 69 22.05 -25.30 11.07
N ALA A 70 21.05 -24.41 11.06
CA ALA A 70 19.67 -24.76 10.69
C ALA A 70 18.93 -23.51 10.30
N ILE A 71 17.81 -23.69 9.59
CA ILE A 71 16.97 -22.59 9.11
C ILE A 71 15.54 -22.90 9.50
N ILE A 72 14.93 -21.95 10.20
CA ILE A 72 13.50 -21.92 10.41
C ILE A 72 12.87 -20.96 9.41
N VAL A 73 11.85 -21.43 8.72
CA VAL A 73 11.11 -20.56 7.80
C VAL A 73 9.68 -20.52 8.32
N VAL A 74 9.11 -19.33 8.33
CA VAL A 74 7.69 -19.15 8.58
C VAL A 74 7.10 -18.65 7.24
N PRO A 75 6.72 -19.61 6.38
CA PRO A 75 6.52 -19.28 4.96
C PRO A 75 5.34 -18.36 4.60
N VAL A 76 5.61 -17.36 3.79
CA VAL A 76 4.59 -16.49 3.24
C VAL A 76 3.44 -17.28 2.62
N GLN A 77 3.76 -18.27 1.79
CA GLN A 77 2.78 -19.09 1.09
C GLN A 77 3.21 -20.56 1.13
N ALA A 78 2.23 -21.45 1.17
CA ALA A 78 2.48 -22.87 1.22
C ALA A 78 3.11 -23.42 -0.06
N ASP A 79 2.66 -22.94 -1.21
CA ASP A 79 3.04 -23.52 -2.49
C ASP A 79 4.18 -22.66 -3.06
N SER A 80 5.31 -22.79 -2.40
CA SER A 80 6.48 -21.99 -2.71
C SER A 80 7.75 -22.60 -2.19
N LEU A 81 8.86 -21.98 -2.59
CA LEU A 81 10.20 -22.17 -2.01
C LEU A 81 10.88 -23.51 -2.33
N ALA A 82 10.35 -24.27 -3.28
CA ALA A 82 10.97 -25.57 -3.63
C ALA A 82 12.48 -25.52 -3.93
N PRO A 83 12.97 -24.53 -4.68
CA PRO A 83 14.42 -24.51 -4.88
C PRO A 83 15.20 -24.28 -3.56
N GLN A 84 14.62 -23.52 -2.63
CA GLN A 84 15.30 -23.22 -1.33
C GLN A 84 15.29 -24.47 -0.45
N VAL A 85 14.21 -25.24 -0.55
CA VAL A 85 14.09 -26.49 0.18
C VAL A 85 15.16 -27.46 -0.31
N ALA A 86 15.31 -27.59 -1.61
CA ALA A 86 16.30 -28.49 -2.17
C ALA A 86 17.70 -28.02 -1.88
N SER A 87 17.93 -26.72 -1.95
CA SER A 87 19.27 -26.21 -1.70
C SER A 87 19.72 -26.46 -0.26
N ALA A 88 18.84 -26.25 0.70
CA ALA A 88 19.17 -26.52 2.08
C ALA A 88 19.54 -27.99 2.29
N LYS A 89 18.75 -28.89 1.72
CA LYS A 89 19.01 -30.29 1.86
C LYS A 89 20.38 -30.57 1.23
N ALA A 90 20.63 -30.00 0.05
CA ALA A 90 21.88 -30.24 -0.69
C ALA A 90 23.12 -29.87 0.12
N LYS A 91 22.99 -28.83 0.93
CA LYS A 91 24.08 -28.32 1.73
C LYS A 91 24.11 -28.90 3.15
N GLY A 92 23.23 -29.85 3.43
CA GLY A 92 23.17 -30.48 4.74
C GLY A 92 22.66 -29.60 5.86
N ILE A 93 21.87 -28.59 5.52
CA ILE A 93 21.31 -27.66 6.54
C ILE A 93 19.85 -27.96 6.75
N PRO A 94 19.46 -28.38 7.97
CA PRO A 94 18.04 -28.65 8.21
C PRO A 94 17.17 -27.43 8.01
N LEU A 95 16.18 -27.56 7.15
CA LEU A 95 15.19 -26.51 6.94
C LEU A 95 13.87 -26.94 7.61
N VAL A 96 13.37 -26.11 8.50
CA VAL A 96 12.26 -26.47 9.38
C VAL A 96 11.18 -25.38 9.34
N PRO A 97 10.09 -25.60 8.54
CA PRO A 97 8.97 -24.69 8.62
C PRO A 97 8.35 -24.76 10.02
N VAL A 98 8.06 -23.61 10.55
CA VAL A 98 7.48 -23.49 11.87
C VAL A 98 6.34 -22.52 11.71
N ASN A 99 5.22 -22.84 12.36
CA ASN A 99 4.05 -21.96 12.46
C ASN A 99 3.18 -21.87 11.23
N ALA A 100 3.80 -21.62 10.06
CA ALA A 100 3.15 -21.76 8.78
C ALA A 100 3.92 -22.85 8.06
N ALA A 101 3.22 -23.50 7.12
CA ALA A 101 3.70 -24.72 6.46
C ALA A 101 4.00 -24.52 4.99
N LEU A 102 4.89 -25.39 4.48
CA LEU A 102 5.12 -25.54 3.04
C LEU A 102 4.45 -26.83 2.58
N ASP A 103 4.03 -26.86 1.31
CA ASP A 103 3.47 -28.05 0.71
C ASP A 103 4.57 -28.90 0.12
N SER A 104 5.51 -29.28 0.99
CA SER A 104 6.72 -30.01 0.60
C SER A 104 7.02 -31.04 1.67
N LYS A 105 7.43 -32.21 1.23
CA LYS A 105 7.90 -33.23 2.18
C LYS A 105 9.45 -33.29 2.21
N ASP A 106 10.14 -32.38 1.52
CA ASP A 106 11.61 -32.41 1.43
CA ASP A 106 11.60 -32.42 1.44
C ASP A 106 12.29 -31.55 2.49
N ILE A 107 11.52 -31.10 3.46
CA ILE A 107 12.01 -30.42 4.65
C ILE A 107 12.55 -31.40 5.72
N ALA A 108 13.25 -30.87 6.72
CA ALA A 108 13.90 -31.74 7.72
C ALA A 108 13.02 -31.93 8.95
N GLY A 109 12.11 -31.00 9.17
CA GLY A 109 11.15 -31.09 10.25
C GLY A 109 10.04 -30.09 9.97
N ASN A 110 9.02 -30.07 10.83
CA ASN A 110 7.81 -29.34 10.55
C ASN A 110 7.02 -29.15 11.87
N VAL A 111 7.00 -27.92 12.37
CA VAL A 111 6.39 -27.64 13.70
C VAL A 111 5.23 -26.67 13.54
N GLN A 112 4.03 -27.26 13.51
CA GLN A 112 2.83 -26.61 13.05
C GLN A 112 1.68 -26.68 14.02
N PRO A 113 0.87 -25.63 14.03
CA PRO A 113 -0.43 -25.75 14.67
C PRO A 113 -1.38 -26.56 13.82
N ASP A 114 -2.43 -27.07 14.45
CA ASP A 114 -3.54 -27.66 13.71
C ASP A 114 -4.49 -26.54 13.32
N ASP A 115 -4.21 -25.92 12.19
CA ASP A 115 -4.97 -24.76 11.76
C ASP A 115 -6.37 -25.10 11.23
N VAL A 116 -6.56 -26.31 10.71
CA VAL A 116 -7.87 -26.76 10.27
C VAL A 116 -8.74 -26.84 11.52
N ALA A 117 -8.20 -27.42 12.58
CA ALA A 117 -8.95 -27.54 13.83
C ALA A 117 -9.29 -26.19 14.46
N ALA A 118 -8.35 -25.26 14.43
CA ALA A 118 -8.57 -23.90 15.00
C ALA A 118 -9.68 -23.19 14.21
N GLY A 119 -9.66 -23.32 12.87
CA GLY A 119 -10.69 -22.72 12.01
C GLY A 119 -12.06 -23.24 12.38
N ALA A 120 -12.15 -24.56 12.52
CA ALA A 120 -13.38 -25.18 12.90
C ALA A 120 -13.83 -24.73 14.29
N GLN A 121 -12.90 -24.66 15.23
CA GLN A 121 -13.18 -24.23 16.60
C GLN A 121 -13.75 -22.81 16.62
N GLU A 122 -13.11 -21.86 15.95
CA GLU A 122 -13.62 -20.46 15.94
C GLU A 122 -15.01 -20.40 15.29
N MET A 123 -15.21 -21.13 14.19
CA MET A 123 -16.51 -21.08 13.55
C MET A 123 -17.57 -21.74 14.46
N GLN A 124 -17.21 -22.81 15.15
CA GLN A 124 -18.15 -23.41 16.10
C GLN A 124 -18.52 -22.49 17.26
N MET A 125 -17.56 -21.69 17.75
CA MET A 125 -17.91 -20.68 18.75
C MET A 125 -18.97 -19.75 18.16
N MET A 126 -18.77 -19.30 16.92
CA MET A 126 -19.71 -18.36 16.29
C MET A 126 -21.07 -19.04 16.05
N ALA A 127 -21.05 -20.30 15.58
CA ALA A 127 -22.30 -21.05 15.42
C ALA A 127 -23.09 -21.14 16.74
N ASP A 128 -22.41 -21.46 17.83
CA ASP A 128 -23.06 -21.52 19.14
C ASP A 128 -23.66 -20.18 19.53
N ARG A 129 -22.88 -19.10 19.41
CA ARG A 129 -23.33 -17.78 19.83
CA ARG A 129 -23.33 -17.79 19.85
C ARG A 129 -24.59 -17.38 19.07
N LEU A 130 -24.56 -17.61 17.77
CA LEU A 130 -25.66 -17.26 16.86
C LEU A 130 -26.84 -18.21 16.94
N GLY A 131 -26.71 -19.33 17.65
CA GLY A 131 -27.78 -20.32 17.63
C GLY A 131 -27.97 -20.95 16.25
N GLY A 132 -26.91 -21.02 15.46
CA GLY A 132 -26.99 -21.64 14.13
C GLY A 132 -27.65 -20.83 13.01
N LYS A 133 -27.89 -19.54 13.22
CA LYS A 133 -28.53 -18.70 12.20
C LYS A 133 -27.99 -17.30 12.22
N GLY A 134 -27.72 -16.78 11.04
CA GLY A 134 -27.34 -15.38 10.93
C GLY A 134 -26.36 -15.18 9.81
N ASN A 135 -26.04 -13.91 9.58
CA ASN A 135 -25.16 -13.48 8.53
C ASN A 135 -23.80 -13.11 9.12
N ILE A 136 -22.75 -13.62 8.49
CA ILE A 136 -21.40 -13.33 8.93
C ILE A 136 -20.53 -12.82 7.79
N VAL A 137 -19.44 -12.19 8.19
CA VAL A 137 -18.33 -11.85 7.28
C VAL A 137 -17.09 -12.52 7.79
N ILE A 138 -16.17 -12.90 6.90
CA ILE A 138 -14.96 -13.60 7.28
C ILE A 138 -13.70 -12.83 6.84
N LEU A 139 -12.85 -12.52 7.80
CA LEU A 139 -11.55 -11.87 7.56
C LEU A 139 -10.50 -12.97 7.45
N GLN A 140 -9.80 -13.01 6.32
CA GLN A 140 -8.80 -14.02 6.07
C GLN A 140 -7.33 -13.58 6.30
N GLY A 141 -6.44 -14.53 6.60
CA GLY A 141 -5.01 -14.28 6.54
C GLY A 141 -4.53 -14.02 5.13
N PRO A 142 -3.24 -13.77 4.98
CA PRO A 142 -2.60 -13.65 3.64
C PRO A 142 -2.98 -14.81 2.73
N LEU A 143 -3.44 -14.48 1.53
CA LEU A 143 -3.95 -15.52 0.66
C LEU A 143 -2.83 -16.48 0.19
N GLY A 144 -3.09 -17.78 0.38
CA GLY A 144 -2.10 -18.79 0.02
C GLY A 144 -1.18 -19.21 1.13
N GLN A 145 -1.22 -18.51 2.27
CA GLN A 145 -0.47 -18.92 3.43
C GLN A 145 -1.20 -20.10 4.06
N SER A 146 -0.45 -21.05 4.61
CA SER A 146 -1.09 -22.27 5.12
C SER A 146 -2.18 -22.01 6.15
N GLY A 147 -2.00 -21.05 7.04
CA GLY A 147 -3.00 -20.81 8.07
C GLY A 147 -4.30 -20.24 7.48
N GLU A 148 -4.19 -19.46 6.40
CA GLU A 148 -5.34 -18.98 5.64
C GLU A 148 -6.07 -20.13 4.95
N LEU A 149 -5.33 -20.94 4.21
CA LEU A 149 -5.95 -22.08 3.54
C LEU A 149 -6.57 -23.06 4.55
N ASP A 150 -5.82 -23.38 5.60
CA ASP A 150 -6.29 -24.39 6.58
C ASP A 150 -7.44 -23.87 7.43
N ARG A 151 -7.33 -22.63 7.88
CA ARG A 151 -8.42 -22.11 8.72
C ARG A 151 -9.69 -21.95 7.87
N SER A 152 -9.55 -21.59 6.61
CA SER A 152 -10.69 -21.56 5.68
C SER A 152 -11.36 -22.92 5.55
N LYS A 153 -10.54 -23.95 5.43
CA LYS A 153 -11.05 -25.30 5.33
C LYS A 153 -11.89 -25.65 6.57
N GLY A 154 -11.32 -25.38 7.74
CA GLY A 154 -12.03 -25.70 8.99
C GLY A 154 -13.29 -24.92 9.19
N ILE A 155 -13.24 -23.64 8.86
CA ILE A 155 -14.46 -22.80 8.91
C ILE A 155 -15.56 -23.35 7.98
N GLU A 156 -15.18 -23.74 6.76
CA GLU A 156 -16.15 -24.27 5.79
C GLU A 156 -16.75 -25.62 6.23
N GLN A 157 -15.99 -26.44 6.97
CA GLN A 157 -16.48 -27.75 7.37
C GLN A 157 -17.59 -27.53 8.41
N VAL A 158 -17.44 -26.54 9.30
CA VAL A 158 -18.51 -26.23 10.28
C VAL A 158 -19.70 -25.55 9.57
N LEU A 159 -19.41 -24.63 8.65
CA LEU A 159 -20.48 -23.92 7.94
C LEU A 159 -21.41 -24.88 7.19
N ALA A 160 -20.85 -25.97 6.67
CA ALA A 160 -21.66 -27.01 6.02
C ALA A 160 -22.70 -27.58 6.97
N LYS A 161 -22.37 -27.64 8.25
CA LYS A 161 -23.28 -28.18 9.27
C LYS A 161 -24.33 -27.19 9.72
N TYR A 162 -24.21 -25.92 9.32
CA TYR A 162 -25.13 -24.86 9.71
C TYR A 162 -25.58 -24.07 8.48
N PRO A 163 -26.46 -24.65 7.67
CA PRO A 163 -26.90 -23.95 6.46
C PRO A 163 -27.63 -22.61 6.68
N ASP A 164 -28.18 -22.38 7.87
CA ASP A 164 -28.82 -21.08 8.16
C ASP A 164 -27.80 -19.97 8.53
N ILE A 165 -26.50 -20.29 8.60
CA ILE A 165 -25.47 -19.26 8.69
C ILE A 165 -25.02 -18.91 7.27
N LYS A 166 -25.12 -17.62 6.92
CA LYS A 166 -24.90 -17.16 5.56
C LYS A 166 -23.67 -16.27 5.52
N VAL A 167 -22.78 -16.53 4.59
CA VAL A 167 -21.58 -15.70 4.45
C VAL A 167 -21.87 -14.54 3.49
N LEU A 168 -21.86 -13.31 4.02
CA LEU A 168 -22.07 -12.11 3.21
C LEU A 168 -20.82 -11.72 2.44
N ALA A 169 -19.66 -11.95 3.03
CA ALA A 169 -18.42 -11.62 2.34
C ALA A 169 -17.27 -12.27 3.04
N LYS A 170 -16.18 -12.44 2.28
CA LYS A 170 -14.91 -12.80 2.86
C LYS A 170 -13.74 -12.25 2.04
N ASP A 171 -12.73 -11.77 2.73
CA ASP A 171 -11.59 -11.14 2.06
C ASP A 171 -10.45 -11.12 3.05
N THR A 172 -9.25 -10.96 2.52
CA THR A 172 -8.05 -10.92 3.30
C THR A 172 -7.77 -9.54 3.90
N ALA A 173 -7.21 -9.58 5.11
CA ALA A 173 -6.56 -8.43 5.70
C ALA A 173 -5.15 -8.74 6.21
N ASN A 174 -4.56 -9.85 5.72
CA ASN A 174 -3.12 -10.13 5.77
C ASN A 174 -2.59 -10.18 7.21
N TRP A 175 -3.47 -10.65 8.11
CA TRP A 175 -3.27 -10.72 9.56
C TRP A 175 -3.23 -9.35 10.28
N LYS A 176 -3.48 -8.24 9.57
CA LYS A 176 -3.23 -6.90 10.11
C LYS A 176 -4.50 -6.24 10.62
N ARG A 177 -4.38 -5.55 11.74
CA ARG A 177 -5.49 -4.84 12.33
C ARG A 177 -5.90 -3.69 11.44
N ASP A 178 -4.93 -2.91 10.94
CA ASP A 178 -5.34 -1.75 10.17
C ASP A 178 -6.03 -2.08 8.83
N GLU A 179 -5.56 -3.10 8.13
CA GLU A 179 -6.27 -3.56 6.94
C GLU A 179 -7.64 -4.09 7.23
N ALA A 180 -7.78 -4.78 8.36
CA ALA A 180 -9.12 -5.22 8.84
C ALA A 180 -10.11 -4.08 9.14
N VAL A 181 -9.64 -2.99 9.75
CA VAL A 181 -10.49 -1.82 9.89
C VAL A 181 -11.06 -1.42 8.52
N ASN A 182 -10.20 -1.31 7.52
CA ASN A 182 -10.58 -0.83 6.19
CA ASN A 182 -10.62 -0.81 6.23
C ASN A 182 -11.63 -1.74 5.55
N LYS A 183 -11.35 -3.06 5.57
CA LYS A 183 -12.26 -4.02 4.98
C LYS A 183 -13.60 -3.99 5.69
N MET A 184 -13.57 -3.93 7.02
CA MET A 184 -14.80 -3.89 7.78
C MET A 184 -15.58 -2.62 7.54
N LYS A 185 -14.88 -1.49 7.40
CA LYS A 185 -15.58 -0.23 7.20
C LYS A 185 -16.39 -0.32 5.88
N ASN A 186 -15.86 -0.99 4.87
CA ASN A 186 -16.52 -1.07 3.57
C ASN A 186 -17.71 -2.01 3.68
N TRP A 187 -17.54 -3.10 4.44
CA TRP A 187 -18.62 -4.06 4.64
C TRP A 187 -19.74 -3.43 5.44
N ILE A 188 -19.42 -2.56 6.38
CA ILE A 188 -20.47 -1.85 7.13
C ILE A 188 -21.26 -0.95 6.18
N SER A 189 -20.59 -0.29 5.23
CA SER A 189 -21.30 0.55 4.26
C SER A 189 -22.15 -0.28 3.30
N GLY A 190 -21.67 -1.47 2.93
CA GLY A 190 -22.37 -2.37 2.00
C GLY A 190 -23.56 -3.11 2.58
N PHE A 191 -23.39 -3.62 3.78
CA PHE A 191 -24.30 -4.60 4.40
C PHE A 191 -24.97 -4.07 5.65
N GLY A 192 -24.31 -3.15 6.33
CA GLY A 192 -24.86 -2.44 7.48
C GLY A 192 -25.46 -3.40 8.47
N PRO A 193 -26.76 -3.24 8.77
CA PRO A 193 -27.42 -4.03 9.82
C PRO A 193 -27.63 -5.53 9.51
N GLN A 194 -27.41 -5.95 8.28
CA GLN A 194 -27.40 -7.39 7.97
C GLN A 194 -26.30 -8.15 8.70
N ILE A 195 -25.19 -7.51 9.07
CA ILE A 195 -24.06 -8.26 9.63
C ILE A 195 -24.40 -8.65 11.05
N ASP A 196 -24.38 -9.96 11.32
CA ASP A 196 -24.69 -10.49 12.65
C ASP A 196 -23.45 -10.99 13.39
N GLY A 197 -22.34 -11.18 12.69
CA GLY A 197 -21.16 -11.69 13.30
C GLY A 197 -19.95 -11.55 12.42
N VAL A 198 -18.79 -11.50 13.06
CA VAL A 198 -17.49 -11.42 12.36
C VAL A 198 -16.62 -12.60 12.79
N VAL A 199 -16.20 -13.41 11.82
CA VAL A 199 -15.29 -14.50 12.09
C VAL A 199 -13.94 -14.10 11.52
N ALA A 200 -13.00 -13.83 12.41
CA ALA A 200 -11.67 -13.28 12.01
C ALA A 200 -10.66 -14.39 12.15
N GLN A 201 -9.86 -14.66 11.13
CA GLN A 201 -8.89 -15.75 11.22
C GLN A 201 -7.72 -15.47 12.19
N ASN A 202 -7.51 -14.21 12.59
CA ASN A 202 -6.73 -13.99 13.82
C ASN A 202 -7.32 -12.88 14.67
N ASP A 203 -6.79 -12.78 15.89
CA ASP A 203 -7.27 -11.72 16.80
C ASP A 203 -7.05 -10.34 16.25
N ASP A 204 -5.92 -10.07 15.59
CA ASP A 204 -5.65 -8.72 15.15
C ASP A 204 -6.77 -8.23 14.22
N MET A 205 -7.21 -9.08 13.29
CA MET A 205 -8.20 -8.70 12.30
C MET A 205 -9.57 -8.53 13.01
N GLY A 206 -9.82 -9.37 14.01
CA GLY A 206 -11.01 -9.23 14.86
C GLY A 206 -11.05 -7.91 15.56
N LEU A 207 -9.90 -7.50 16.07
CA LEU A 207 -9.79 -6.21 16.74
C LEU A 207 -9.99 -5.03 15.78
N GLY A 208 -9.49 -5.14 14.55
CA GLY A 208 -9.77 -4.12 13.57
C GLY A 208 -11.26 -4.02 13.25
N ALA A 209 -11.91 -5.16 13.12
CA ALA A 209 -13.33 -5.21 12.87
C ALA A 209 -14.07 -4.52 14.03
N LEU A 210 -13.65 -4.84 15.26
CA LEU A 210 -14.18 -4.19 16.45
C LEU A 210 -14.04 -2.67 16.43
N GLN A 211 -12.86 -2.18 16.08
CA GLN A 211 -12.61 -0.74 15.95
C GLN A 211 -13.50 -0.07 14.88
N ALA A 212 -13.68 -0.74 13.73
CA ALA A 212 -14.59 -0.25 12.68
C ALA A 212 -16.04 -0.18 13.15
N LEU A 213 -16.51 -1.24 13.80
CA LEU A 213 -17.89 -1.26 14.25
C LEU A 213 -18.12 -0.10 15.21
N LYS A 214 -17.25 0.05 16.19
CA LYS A 214 -17.37 1.09 17.21
C LYS A 214 -17.35 2.50 16.60
N GLU A 215 -16.43 2.72 15.65
CA GLU A 215 -16.35 4.01 14.95
C GLU A 215 -17.62 4.33 14.20
N SER A 216 -18.32 3.31 13.72
CA SER A 216 -19.64 3.51 13.08
C SER A 216 -20.81 3.52 14.08
N GLY A 217 -20.52 3.58 15.38
CA GLY A 217 -21.55 3.56 16.41
C GLY A 217 -22.26 2.24 16.69
N ARG A 218 -21.67 1.11 16.30
CA ARG A 218 -22.28 -0.18 16.60
C ARG A 218 -21.43 -1.02 17.57
N THR A 219 -22.09 -1.57 18.59
CA THR A 219 -21.42 -2.43 19.57
C THR A 219 -22.28 -3.67 19.86
N GLY A 220 -21.71 -4.62 20.59
CA GLY A 220 -22.38 -5.89 20.85
C GLY A 220 -22.41 -6.88 19.70
N VAL A 221 -21.71 -6.60 18.59
CA VAL A 221 -21.62 -7.54 17.47
C VAL A 221 -20.68 -8.69 17.85
N PRO A 222 -21.14 -9.95 17.72
CA PRO A 222 -20.28 -11.08 18.07
C PRO A 222 -19.06 -11.12 17.17
N ILE A 223 -17.89 -11.20 17.77
CA ILE A 223 -16.62 -11.34 17.02
C ILE A 223 -15.86 -12.52 17.61
N VAL A 224 -15.26 -13.37 16.76
CA VAL A 224 -14.43 -14.46 17.24
C VAL A 224 -13.08 -14.33 16.57
N GLY A 225 -11.99 -14.66 17.29
CA GLY A 225 -10.64 -14.64 16.71
C GLY A 225 -9.83 -15.91 16.99
N ILE A 226 -8.56 -15.88 16.63
CA ILE A 226 -7.61 -16.97 16.88
C ILE A 226 -6.28 -16.30 17.24
N ASP A 227 -5.65 -16.80 18.30
CA ASP A 227 -4.25 -16.52 18.74
C ASP A 227 -4.16 -16.29 20.27
N GLY A 228 -5.13 -15.59 20.82
CA GLY A 228 -4.96 -15.15 22.19
C GLY A 228 -3.76 -14.25 22.40
N ILE A 229 -3.53 -13.31 21.48
CA ILE A 229 -2.60 -12.22 21.81
C ILE A 229 -3.17 -11.35 22.88
N GLU A 230 -2.32 -10.52 23.47
CA GLU A 230 -2.75 -9.65 24.58
C GLU A 230 -4.09 -9.03 24.38
N ASP A 231 -4.23 -8.24 23.33
CA ASP A 231 -5.50 -7.54 23.06
C ASP A 231 -6.70 -8.47 22.75
N GLY A 232 -6.45 -9.65 22.21
CA GLY A 232 -7.50 -10.64 21.96
C GLY A 232 -7.97 -11.19 23.29
N LEU A 233 -7.03 -11.53 24.19
CA LEU A 233 -7.44 -12.04 25.49
C LEU A 233 -8.28 -11.01 26.26
N ASN A 234 -7.83 -9.76 26.22
CA ASN A 234 -8.57 -8.67 26.80
C ASN A 234 -9.99 -8.53 26.22
N ALA A 235 -10.12 -8.73 24.93
CA ALA A 235 -11.43 -8.71 24.31
C ALA A 235 -12.28 -9.89 24.78
N VAL A 236 -11.66 -11.04 24.99
CA VAL A 236 -12.46 -12.17 25.51
C VAL A 236 -12.96 -11.85 26.91
N LYS A 237 -12.10 -11.29 27.75
CA LYS A 237 -12.48 -10.96 29.13
C LYS A 237 -13.63 -9.97 29.20
N SER A 238 -13.62 -8.98 28.31
CA SER A 238 -14.57 -7.87 28.34
C SER A 238 -15.86 -8.20 27.57
N GLY A 239 -15.84 -9.27 26.78
CA GLY A 239 -16.98 -9.67 25.97
C GLY A 239 -17.04 -8.99 24.62
N ASP A 240 -16.02 -8.21 24.27
CA ASP A 240 -15.88 -7.64 22.94
C ASP A 240 -15.63 -8.74 21.91
N PHE A 241 -15.00 -9.81 22.37
CA PHE A 241 -14.91 -11.09 21.63
C PHE A 241 -15.72 -12.15 22.37
N ILE A 242 -16.27 -13.11 21.63
CA ILE A 242 -16.93 -14.28 22.21
C ILE A 242 -15.96 -15.36 22.68
N GLY A 243 -14.72 -15.29 22.18
CA GLY A 243 -13.70 -16.24 22.53
C GLY A 243 -12.56 -16.16 21.53
N THR A 244 -11.52 -16.94 21.79
CA THR A 244 -10.40 -17.05 20.85
C THR A 244 -9.79 -18.46 21.02
N SER A 245 -8.70 -18.69 20.31
CA SER A 245 -7.98 -19.95 20.40
C SER A 245 -6.56 -19.58 20.72
N LEU A 246 -6.00 -20.13 21.79
CA LEU A 246 -4.67 -19.75 22.18
C LEU A 246 -3.59 -20.36 21.28
N GLN A 247 -2.79 -19.49 20.68
CA GLN A 247 -1.56 -19.90 19.96
C GLN A 247 -0.50 -19.07 20.65
N ASN A 248 0.06 -19.63 21.71
CA ASN A 248 1.06 -18.87 22.46
C ASN A 248 2.37 -19.02 21.75
N GLY A 249 2.75 -17.95 21.07
CA GLY A 249 3.93 -18.05 20.19
C GLY A 249 5.19 -18.25 21.04
N THR A 250 5.21 -17.76 22.28
CA THR A 250 6.38 -17.99 23.13
C THR A 250 6.63 -19.48 23.29
N VAL A 251 5.56 -20.27 23.31
CA VAL A 251 5.65 -21.77 23.45
C VAL A 251 5.86 -22.40 22.05
N GLU A 252 5.00 -22.08 21.06
CA GLU A 252 5.09 -22.77 19.77
C GLU A 252 6.40 -22.43 19.10
N LEU A 253 6.82 -21.16 19.15
CA LEU A 253 8.04 -20.81 18.41
C LEU A 253 9.27 -21.36 19.11
N ALA A 254 9.27 -21.43 20.42
CA ALA A 254 10.38 -22.01 21.14
C ALA A 254 10.47 -23.54 20.87
N ALA A 255 9.32 -24.20 20.73
CA ALA A 255 9.31 -25.61 20.35
C ALA A 255 9.92 -25.80 18.96
N GLY A 256 9.57 -24.92 18.03
CA GLY A 256 10.18 -25.00 16.70
C GLY A 256 11.67 -24.79 16.79
N LEU A 257 12.10 -23.83 17.58
CA LEU A 257 13.53 -23.59 17.77
C LEU A 257 14.21 -24.82 18.38
N ALA A 258 13.58 -25.44 19.36
CA ALA A 258 14.16 -26.64 19.98
C ALA A 258 14.30 -27.78 19.02
N VAL A 259 13.28 -27.98 18.19
CA VAL A 259 13.34 -29.07 17.20
C VAL A 259 14.50 -28.75 16.20
N ALA A 260 14.57 -27.51 15.71
CA ALA A 260 15.62 -27.16 14.77
C ALA A 260 17.01 -27.34 15.38
N ASN A 261 17.15 -26.97 16.64
CA ASN A 261 18.42 -27.07 17.33
C ASN A 261 18.89 -28.53 17.46
N ARG A 262 17.98 -29.40 17.85
CA ARG A 262 18.29 -30.81 17.96
C ARG A 262 18.61 -31.41 16.60
N LEU A 263 17.90 -30.99 15.56
CA LEU A 263 18.18 -31.46 14.20
C LEU A 263 19.57 -30.98 13.77
N ALA A 264 19.91 -29.74 14.09
CA ALA A 264 21.23 -29.19 13.73
C ALA A 264 22.35 -30.01 14.33
N LYS A 265 22.12 -30.50 15.55
CA LYS A 265 23.15 -31.23 16.28
C LYS A 265 23.09 -32.74 16.17
N GLY A 266 22.19 -33.25 15.32
CA GLY A 266 22.05 -34.69 15.10
C GLY A 266 21.51 -35.43 16.32
N GLU A 267 20.68 -34.74 17.12
CA GLU A 267 20.15 -35.32 18.35
C GLU A 267 18.74 -35.83 18.09
N PRO A 268 18.38 -36.92 18.77
CA PRO A 268 17.10 -37.53 18.46
C PRO A 268 15.97 -36.59 18.84
N VAL A 269 14.99 -36.42 17.94
CA VAL A 269 13.88 -35.54 18.23
C VAL A 269 12.69 -35.92 17.38
N ASN A 270 11.49 -35.73 17.92
CA ASN A 270 10.26 -35.76 17.13
C ASN A 270 10.30 -34.58 16.18
N LYS A 271 10.36 -34.84 14.88
CA LYS A 271 10.63 -33.72 13.94
C LYS A 271 9.35 -33.00 13.53
N GLU A 272 8.21 -33.54 13.95
CA GLU A 272 6.91 -33.05 13.49
C GLU A 272 5.77 -33.05 14.52
N PRO A 273 6.03 -32.44 15.69
CA PRO A 273 5.01 -32.22 16.72
C PRO A 273 3.97 -31.20 16.27
N VAL A 274 2.75 -31.32 16.79
CA VAL A 274 1.63 -30.47 16.39
C VAL A 274 1.07 -29.73 17.61
N TYR A 275 0.88 -28.43 17.41
CA TYR A 275 0.38 -27.53 18.42
C TYR A 275 -1.14 -27.47 18.34
N ILE A 276 -1.83 -27.98 19.36
CA ILE A 276 -3.30 -27.97 19.38
C ILE A 276 -3.77 -26.76 20.20
N MET A 277 -4.44 -25.83 19.54
CA MET A 277 -4.82 -24.58 20.18
C MET A 277 -6.01 -24.80 21.13
N PRO A 278 -5.82 -24.54 22.44
CA PRO A 278 -7.02 -24.67 23.33
C PRO A 278 -7.98 -23.51 23.16
N ALA A 279 -9.27 -23.77 23.36
CA ALA A 279 -10.32 -22.75 23.43
C ALA A 279 -10.12 -21.83 24.63
N ILE A 280 -10.15 -20.54 24.34
CA ILE A 280 -10.14 -19.51 25.36
C ILE A 280 -11.49 -18.78 25.40
N THR A 281 -12.14 -18.85 26.55
CA THR A 281 -13.39 -18.16 26.83
C THR A 281 -13.25 -17.49 28.18
N LYS A 282 -14.31 -16.82 28.65
CA LYS A 282 -14.29 -16.34 30.03
C LYS A 282 -13.97 -17.42 31.08
N ASP A 283 -14.18 -18.69 30.70
CA ASP A 283 -13.94 -19.82 31.60
C ASP A 283 -12.45 -19.91 32.01
N ASN A 284 -11.52 -19.63 31.08
CA ASN A 284 -10.07 -19.77 31.35
C ASN A 284 -9.17 -18.62 30.88
N VAL A 285 -9.74 -17.49 30.50
CA VAL A 285 -8.94 -16.34 30.01
C VAL A 285 -7.98 -15.80 31.05
N ASP A 286 -8.33 -15.83 32.33
CA ASP A 286 -7.40 -15.27 33.34
C ASP A 286 -6.03 -15.95 33.38
N VAL A 287 -5.99 -17.25 33.18
CA VAL A 287 -4.71 -17.95 33.26
C VAL A 287 -3.93 -17.64 32.01
N ALA A 288 -4.62 -17.56 30.89
CA ALA A 288 -3.96 -17.19 29.65
C ALA A 288 -3.36 -15.79 29.78
N ILE A 289 -4.10 -14.85 30.40
CA ILE A 289 -3.60 -13.50 30.59
C ILE A 289 -2.36 -13.51 31.48
N GLU A 290 -2.36 -14.37 32.50
CA GLU A 290 -1.19 -14.48 33.37
C GLU A 290 0.04 -14.91 32.55
N HIS A 291 -0.11 -15.96 31.75
CA HIS A 291 1.03 -16.47 31.00
C HIS A 291 1.54 -15.55 29.89
N VAL A 292 0.62 -14.93 29.19
CA VAL A 292 0.90 -14.12 28.05
C VAL A 292 1.17 -12.64 28.39
N VAL A 293 0.56 -12.13 29.44
CA VAL A 293 0.59 -10.70 29.71
C VAL A 293 1.14 -10.35 31.08
N THR A 294 0.38 -10.63 32.16
CA THR A 294 0.70 -10.06 33.42
C THR A 294 1.75 -10.78 34.28
N GLU A 295 1.93 -12.09 34.09
CA GLU A 295 3.03 -12.82 34.77
C GLU A 295 3.92 -13.50 33.75
N ARG A 296 4.27 -12.75 32.72
CA ARG A 296 4.97 -13.30 31.57
C ARG A 296 6.39 -13.69 31.96
N GLN A 297 7.04 -12.90 32.79
CA GLN A 297 8.40 -13.22 33.26
C GLN A 297 8.45 -14.54 34.07
N GLN A 298 7.54 -14.75 35.03
CA GLN A 298 7.35 -16.08 35.70
C GLN A 298 7.30 -17.17 34.67
N PHE A 299 6.44 -16.99 33.68
CA PHE A 299 6.24 -18.01 32.67
C PHE A 299 7.49 -18.31 31.88
N LEU A 300 8.15 -17.26 31.42
CA LEU A 300 9.36 -17.44 30.64
C LEU A 300 10.48 -18.12 31.43
N ASP A 301 10.53 -17.91 32.75
CA ASP A 301 11.55 -18.53 33.62
C ASP A 301 11.45 -20.08 33.57
N GLY A 302 10.25 -20.60 33.33
CA GLY A 302 9.99 -22.06 33.28
C GLY A 302 9.94 -22.61 31.83
N LEU A 303 10.17 -21.75 30.84
CA LEU A 303 9.83 -22.10 29.47
C LEU A 303 10.73 -23.20 28.91
N THR A 304 12.01 -23.07 29.14
CA THR A 304 12.97 -24.03 28.57
C THR A 304 12.64 -25.45 29.07
N GLU A 305 12.32 -25.57 30.36
CA GLU A 305 11.93 -26.87 30.92
C GLU A 305 10.67 -27.38 30.28
N LEU A 306 9.67 -26.49 30.12
CA LEU A 306 8.41 -26.84 29.52
C LEU A 306 8.62 -27.35 28.10
N ILE A 307 9.39 -26.63 27.32
CA ILE A 307 9.60 -27.02 25.93
C ILE A 307 10.27 -28.40 25.89
N ASN A 308 11.27 -28.60 26.71
CA ASN A 308 12.02 -29.84 26.64
C ASN A 308 11.15 -31.02 26.99
N LYS A 309 10.20 -30.86 27.94
CA LYS A 309 9.25 -31.93 28.26
C LYS A 309 8.26 -32.13 27.13
N ASN A 310 7.70 -31.04 26.62
CA ASN A 310 6.67 -31.10 25.57
C ASN A 310 7.19 -31.74 24.27
N LEU A 311 8.47 -31.60 23.99
CA LEU A 311 9.04 -32.28 22.84
C LEU A 311 8.93 -33.81 22.97
N GLU A 312 9.01 -34.36 24.19
CA GLU A 312 8.97 -35.79 24.39
C GLU A 312 7.53 -36.32 24.53
N THR A 313 6.58 -35.47 24.90
CA THR A 313 5.16 -35.96 24.94
C THR A 313 4.51 -35.73 23.58
N GLY A 314 5.06 -34.80 22.80
CA GLY A 314 4.46 -34.32 21.54
C GLY A 314 3.40 -33.22 21.68
N ASP A 315 2.92 -33.01 22.90
CA ASP A 315 1.92 -32.02 23.19
C ASP A 315 2.57 -30.61 23.34
N ILE A 316 3.00 -30.03 22.25
CA ILE A 316 3.76 -28.77 22.28
C ILE A 316 2.92 -27.54 22.65
N ALA A 317 1.59 -27.65 22.65
CA ALA A 317 0.75 -26.58 23.15
C ALA A 317 0.57 -26.60 24.69
N TYR A 318 0.94 -27.69 25.36
CA TYR A 318 0.70 -27.76 26.80
C TYR A 318 1.44 -26.67 27.58
N GLU A 319 0.67 -25.89 28.34
CA GLU A 319 1.22 -24.91 29.27
C GLU A 319 0.33 -24.70 30.54
N GLY A 320 -0.54 -25.66 30.82
CA GLY A 320 -1.36 -25.62 32.00
C GLY A 320 -2.56 -24.70 31.93
N ILE A 321 -3.09 -24.49 30.74
CA ILE A 321 -4.32 -23.72 30.61
C ILE A 321 -5.40 -24.64 31.09
N PRO A 322 -6.26 -24.14 31.98
CA PRO A 322 -7.33 -24.97 32.46
C PRO A 322 -8.05 -25.67 31.30
N GLY A 323 -8.33 -26.96 31.42
CA GLY A 323 -8.82 -27.73 30.28
C GLY A 323 -7.76 -28.64 29.67
N GLN A 324 -6.51 -28.17 29.55
CA GLN A 324 -5.46 -29.01 28.98
C GLN A 324 -5.04 -30.19 29.90
N LYS A 325 -4.77 -31.36 29.32
CA LYS A 325 -4.30 -32.50 30.13
C LYS A 325 -3.00 -33.09 29.57
N ASP B 11 -26.44 12.66 -24.96
CA ASP B 11 -25.22 13.34 -25.49
C ASP B 11 -24.59 14.32 -24.51
N THR B 12 -25.37 14.76 -23.51
CA THR B 12 -24.84 15.59 -22.44
C THR B 12 -23.75 14.83 -21.70
N THR B 13 -22.61 15.49 -21.48
CA THR B 13 -21.51 14.94 -20.69
C THR B 13 -21.61 15.47 -19.25
N ARG B 14 -21.45 14.58 -18.28
CA ARG B 14 -21.55 14.93 -16.88
C ARG B 14 -20.15 14.95 -16.29
N ILE B 15 -19.70 16.12 -15.84
CA ILE B 15 -18.36 16.25 -15.34
C ILE B 15 -18.42 16.64 -13.89
N GLY B 16 -17.85 15.78 -13.06
CA GLY B 16 -17.75 16.07 -11.62
C GLY B 16 -16.63 17.05 -11.39
N VAL B 17 -16.85 18.01 -10.50
CA VAL B 17 -15.79 18.96 -10.12
C VAL B 17 -15.75 19.04 -8.60
N THR B 18 -14.62 18.65 -7.99
CA THR B 18 -14.43 18.80 -6.55
C THR B 18 -13.27 19.72 -6.29
N VAL B 19 -13.60 20.85 -5.68
CA VAL B 19 -12.62 21.91 -5.44
C VAL B 19 -12.19 21.93 -3.97
N TYR B 20 -10.95 22.37 -3.71
CA TYR B 20 -10.45 22.41 -2.33
C TYR B 20 -11.31 23.28 -1.43
N ASP B 21 -11.80 24.42 -1.93
CA ASP B 21 -12.57 25.39 -1.16
C ASP B 21 -13.15 26.41 -2.15
N MET B 22 -14.14 27.17 -1.72
CA MET B 22 -14.66 28.24 -2.54
C MET B 22 -13.87 29.56 -2.26
N SER B 23 -12.60 29.56 -2.68
CA SER B 23 -11.75 30.76 -2.59
C SER B 23 -12.22 31.81 -3.59
N SER B 24 -11.70 33.03 -3.49
CA SER B 24 -12.07 34.09 -4.43
C SER B 24 -11.73 33.66 -5.86
N PHE B 25 -10.57 33.03 -6.05
CA PHE B 25 -10.17 32.57 -7.37
C PHE B 25 -11.13 31.54 -7.94
N ILE B 26 -11.46 30.53 -7.15
CA ILE B 26 -12.38 29.49 -7.63
C ILE B 26 -13.79 29.99 -7.88
N THR B 27 -14.30 30.81 -6.96
CA THR B 27 -15.60 31.39 -7.10
C THR B 27 -15.77 32.19 -8.39
N ALA B 28 -14.78 33.08 -8.68
CA ALA B 28 -14.84 33.87 -9.90
C ALA B 28 -14.62 32.98 -11.13
N GLY B 29 -13.67 32.08 -11.03
CA GLY B 29 -13.33 31.23 -12.15
C GLY B 29 -14.41 30.25 -12.60
N LYS B 30 -15.24 29.80 -11.64
CA LYS B 30 -16.32 28.88 -11.95
C LYS B 30 -17.20 29.40 -13.09
N GLU B 31 -17.40 30.72 -13.14
CA GLU B 31 -18.26 31.34 -14.14
C GLU B 31 -17.78 30.97 -15.56
N GLY B 32 -16.47 30.76 -15.74
CA GLY B 32 -15.95 30.34 -17.03
C GLY B 32 -16.25 28.88 -17.34
N MET B 33 -16.22 28.04 -16.31
CA MET B 33 -16.64 26.67 -16.48
C MET B 33 -18.11 26.63 -16.84
N ASP B 34 -18.95 27.44 -16.19
CA ASP B 34 -20.37 27.46 -16.52
C ASP B 34 -20.63 27.87 -17.97
N ALA B 35 -19.90 28.90 -18.43
CA ALA B 35 -20.01 29.42 -19.79
C ALA B 35 -19.61 28.39 -20.83
N TYR B 36 -18.47 27.77 -20.64
CA TYR B 36 -18.03 26.70 -21.51
C TYR B 36 -19.00 25.53 -21.48
N ALA B 37 -19.48 25.19 -20.30
CA ALA B 37 -20.38 24.04 -20.15
C ALA B 37 -21.70 24.23 -20.92
N LYS B 38 -22.26 25.44 -20.84
CA LYS B 38 -23.48 25.81 -21.57
C LYS B 38 -23.30 25.74 -23.08
N ASP B 39 -22.13 26.17 -23.56
CA ASP B 39 -21.87 26.14 -25.01
C ASP B 39 -21.58 24.74 -25.52
N ASN B 40 -21.23 23.82 -24.64
CA ASN B 40 -20.72 22.52 -25.05
C ASN B 40 -21.49 21.36 -24.47
N ASN B 41 -22.70 21.64 -23.99
CA ASN B 41 -23.58 20.58 -23.51
C ASN B 41 -22.88 19.75 -22.44
N ILE B 42 -22.47 20.42 -21.38
CA ILE B 42 -21.87 19.76 -20.22
C ILE B 42 -22.69 20.15 -19.00
N GLU B 43 -22.99 19.14 -18.16
CA GLU B 43 -23.55 19.34 -16.83
C GLU B 43 -22.42 19.15 -15.81
N LEU B 44 -22.17 20.15 -14.97
CA LEU B 44 -21.25 20.04 -13.85
C LEU B 44 -21.93 19.44 -12.60
N ILE B 45 -21.20 18.54 -11.94
CA ILE B 45 -21.60 18.01 -10.63
C ILE B 45 -20.61 18.59 -9.61
N TRP B 46 -21.06 19.61 -8.91
CA TRP B 46 -20.19 20.49 -8.15
C TRP B 46 -20.11 20.11 -6.68
N ASN B 47 -18.92 20.19 -6.14
CA ASN B 47 -18.73 20.07 -4.70
C ASN B 47 -17.48 20.81 -4.25
N SER B 48 -17.49 21.27 -3.03
CA SER B 48 -16.35 21.86 -2.38
C SER B 48 -15.99 21.06 -1.12
N ALA B 49 -14.68 20.90 -0.90
CA ALA B 49 -14.15 19.97 0.12
C ALA B 49 -13.74 20.61 1.46
N ASN B 50 -13.97 21.92 1.64
CA ASN B 50 -13.78 22.51 2.99
C ASN B 50 -12.31 22.42 3.45
N LEU B 51 -11.34 22.44 2.49
CA LEU B 51 -9.92 22.27 2.84
C LEU B 51 -9.63 20.98 3.62
N ASP B 52 -10.40 19.91 3.38
CA ASP B 52 -10.32 18.63 4.09
C ASP B 52 -10.06 17.54 3.07
N VAL B 53 -8.88 16.90 3.16
CA VAL B 53 -8.44 15.90 2.22
C VAL B 53 -9.39 14.70 2.23
N SER B 54 -9.76 14.23 3.44
CA SER B 54 -10.66 13.06 3.53
C SER B 54 -12.03 13.39 2.90
N THR B 55 -12.50 14.62 3.10
CA THR B 55 -13.74 15.08 2.44
C THR B 55 -13.66 15.05 0.92
N GLN B 56 -12.56 15.53 0.38
CA GLN B 56 -12.36 15.54 -1.05
C GLN B 56 -12.27 14.13 -1.59
N ALA B 57 -11.57 13.27 -0.84
CA ALA B 57 -11.47 11.84 -1.24
C ALA B 57 -12.85 11.24 -1.37
N SER B 58 -13.69 11.44 -0.36
CA SER B 58 -15.04 10.91 -0.39
C SER B 58 -15.88 11.51 -1.53
N GLN B 59 -15.63 12.77 -1.87
CA GLN B 59 -16.32 13.43 -2.97
C GLN B 59 -15.95 12.84 -4.33
N VAL B 60 -14.68 12.53 -4.51
CA VAL B 60 -14.26 11.83 -5.73
C VAL B 60 -14.88 10.44 -5.79
N ASP B 61 -14.85 9.67 -4.68
CA ASP B 61 -15.45 8.36 -4.68
C ASP B 61 -16.93 8.38 -5.04
N SER B 62 -17.65 9.37 -4.52
CA SER B 62 -19.06 9.53 -4.87
C SER B 62 -19.24 9.87 -6.37
N MET B 63 -18.39 10.72 -6.92
CA MET B 63 -18.44 10.97 -8.38
C MET B 63 -18.22 9.69 -9.22
N ILE B 64 -17.27 8.87 -8.79
CA ILE B 64 -17.00 7.61 -9.47
C ILE B 64 -18.23 6.71 -9.46
N ASN B 65 -18.83 6.55 -8.27
CA ASN B 65 -20.02 5.72 -8.11
C ASN B 65 -21.19 6.26 -8.92
N GLN B 66 -21.30 7.58 -9.07
CA GLN B 66 -22.33 8.17 -9.92
C GLN B 66 -22.12 7.90 -11.42
N GLY B 67 -20.94 7.43 -11.81
CA GLY B 67 -20.70 7.11 -13.23
C GLY B 67 -20.61 8.37 -14.09
N VAL B 68 -20.05 9.44 -13.55
CA VAL B 68 -19.81 10.63 -14.37
C VAL B 68 -18.80 10.28 -15.47
N ASP B 69 -18.75 11.12 -16.51
CA ASP B 69 -17.91 10.87 -17.69
C ASP B 69 -16.46 11.32 -17.48
N ALA B 70 -16.25 12.27 -16.57
CA ALA B 70 -14.91 12.78 -16.19
C ALA B 70 -14.97 13.53 -14.86
N ILE B 71 -13.81 13.61 -14.20
CA ILE B 71 -13.71 14.23 -12.89
C ILE B 71 -12.55 15.17 -12.90
N ILE B 72 -12.88 16.41 -12.57
CA ILE B 72 -11.92 17.42 -12.30
C ILE B 72 -11.73 17.50 -10.81
N VAL B 73 -10.48 17.48 -10.40
CA VAL B 73 -10.18 17.69 -8.98
C VAL B 73 -9.27 18.91 -8.85
N VAL B 74 -9.56 19.78 -7.88
CA VAL B 74 -8.65 20.86 -7.51
C VAL B 74 -8.13 20.54 -6.14
N PRO B 75 -7.08 19.74 -6.07
CA PRO B 75 -6.72 19.05 -4.83
C PRO B 75 -6.29 19.93 -3.65
N VAL B 76 -6.89 19.65 -2.50
CA VAL B 76 -6.52 20.28 -1.23
C VAL B 76 -4.99 20.21 -1.00
N GLN B 77 -4.43 19.02 -1.23
CA GLN B 77 -2.99 18.80 -1.05
C GLN B 77 -2.40 17.91 -2.17
N ALA B 78 -1.15 18.16 -2.52
CA ALA B 78 -0.56 17.38 -3.60
C ALA B 78 -0.32 15.90 -3.29
N ASP B 79 0.09 15.62 -2.06
CA ASP B 79 0.48 14.25 -1.65
C ASP B 79 -0.71 13.57 -1.00
N SER B 80 -1.72 13.28 -1.83
CA SER B 80 -2.96 12.72 -1.35
C SER B 80 -3.70 12.07 -2.49
N LEU B 81 -4.79 11.44 -2.09
CA LEU B 81 -5.80 10.90 -3.03
C LEU B 81 -5.40 9.72 -3.89
N ALA B 82 -4.34 9.00 -3.55
CA ALA B 82 -3.85 7.90 -4.40
C ALA B 82 -4.94 6.87 -4.66
N PRO B 83 -5.72 6.46 -3.63
CA PRO B 83 -6.72 5.41 -3.89
C PRO B 83 -7.84 5.89 -4.84
N GLN B 84 -8.14 7.20 -4.83
CA GLN B 84 -9.18 7.75 -5.67
C GLN B 84 -8.68 7.88 -7.14
N VAL B 85 -7.42 8.24 -7.31
CA VAL B 85 -6.79 8.28 -8.65
C VAL B 85 -6.83 6.88 -9.29
N ALA B 86 -6.41 5.88 -8.52
CA ALA B 86 -6.49 4.51 -8.96
C ALA B 86 -7.92 4.08 -9.27
N SER B 87 -8.88 4.40 -8.42
CA SER B 87 -10.26 3.96 -8.64
CA SER B 87 -10.24 3.97 -8.63
C SER B 87 -10.88 4.62 -9.87
N ALA B 88 -10.58 5.88 -10.13
CA ALA B 88 -11.08 6.54 -11.37
C ALA B 88 -10.56 5.82 -12.61
N LYS B 89 -9.26 5.58 -12.63
CA LYS B 89 -8.64 4.90 -13.73
C LYS B 89 -9.27 3.53 -13.88
N ALA B 90 -9.49 2.82 -12.75
CA ALA B 90 -10.08 1.48 -12.79
C ALA B 90 -11.46 1.42 -13.45
N LYS B 91 -12.28 2.46 -13.27
CA LYS B 91 -13.59 2.57 -13.90
C LYS B 91 -13.59 3.23 -15.29
N GLY B 92 -12.41 3.50 -15.83
CA GLY B 92 -12.30 4.17 -17.13
C GLY B 92 -12.84 5.59 -17.14
N ILE B 93 -12.80 6.25 -15.98
CA ILE B 93 -13.23 7.64 -15.86
C ILE B 93 -12.01 8.58 -15.81
N PRO B 94 -11.89 9.47 -16.79
CA PRO B 94 -10.73 10.38 -16.77
C PRO B 94 -10.71 11.30 -15.56
N LEU B 95 -9.59 11.30 -14.83
CA LEU B 95 -9.42 12.18 -13.68
C LEU B 95 -8.38 13.24 -14.01
N VAL B 96 -8.77 14.51 -13.87
CA VAL B 96 -7.95 15.62 -14.36
C VAL B 96 -7.83 16.64 -13.27
N PRO B 97 -6.66 16.69 -12.64
CA PRO B 97 -6.35 17.82 -11.77
C PRO B 97 -6.28 19.09 -12.58
N VAL B 98 -6.89 20.14 -12.04
CA VAL B 98 -6.88 21.46 -12.67
C VAL B 98 -6.58 22.45 -11.58
N ASN B 99 -5.74 23.43 -11.90
CA ASN B 99 -5.37 24.58 -11.03
C ASN B 99 -4.46 24.24 -9.88
N ALA B 100 -4.78 23.21 -9.12
CA ALA B 100 -3.83 22.65 -8.16
C ALA B 100 -3.55 21.20 -8.58
N ALA B 101 -2.39 20.71 -8.24
CA ALA B 101 -1.92 19.41 -8.77
C ALA B 101 -1.81 18.35 -7.70
N LEU B 102 -1.78 17.10 -8.17
CA LEU B 102 -1.39 15.97 -7.38
C LEU B 102 0.00 15.50 -7.79
N ASP B 103 0.70 14.87 -6.84
CA ASP B 103 2.05 14.33 -7.17
C ASP B 103 1.90 12.91 -7.61
N SER B 104 1.10 12.75 -8.65
CA SER B 104 0.78 11.43 -9.20
C SER B 104 0.88 11.53 -10.71
N LYS B 105 1.48 10.50 -11.32
CA LYS B 105 1.45 10.32 -12.78
C LYS B 105 0.22 9.54 -13.29
N ASP B 106 -0.58 8.95 -12.39
CA ASP B 106 -1.68 8.06 -12.80
CA ASP B 106 -1.66 8.04 -12.81
C ASP B 106 -2.99 8.79 -13.13
N ILE B 107 -2.91 10.05 -13.47
CA ILE B 107 -4.05 10.86 -13.89
C ILE B 107 -4.20 10.93 -15.41
N ALA B 108 -5.37 11.37 -15.88
CA ALA B 108 -5.66 11.32 -17.31
C ALA B 108 -5.22 12.55 -18.07
N GLY B 109 -5.07 13.63 -17.34
CA GLY B 109 -4.62 14.89 -17.91
C GLY B 109 -4.44 15.80 -16.71
N ASN B 110 -3.97 17.02 -16.95
CA ASN B 110 -3.35 17.85 -15.94
C ASN B 110 -3.25 19.29 -16.43
N VAL B 111 -4.09 20.16 -15.88
CA VAL B 111 -4.15 21.52 -16.40
C VAL B 111 -3.79 22.52 -15.35
N GLN B 112 -2.58 23.02 -15.43
CA GLN B 112 -1.97 23.74 -14.30
C GLN B 112 -1.33 25.05 -14.66
N PRO B 113 -1.29 25.98 -13.70
CA PRO B 113 -0.45 27.18 -13.82
C PRO B 113 1.01 26.85 -13.58
N ASP B 114 1.92 27.70 -14.05
CA ASP B 114 3.32 27.55 -13.69
C ASP B 114 3.48 28.29 -12.38
N ASP B 115 3.30 27.56 -11.27
CA ASP B 115 3.24 28.23 -9.97
C ASP B 115 4.64 28.56 -9.44
N VAL B 116 5.65 27.81 -9.86
CA VAL B 116 7.07 28.12 -9.57
C VAL B 116 7.38 29.47 -10.20
N ALA B 117 7.02 29.66 -11.46
CA ALA B 117 7.32 30.91 -12.13
C ALA B 117 6.54 32.07 -11.50
N ALA B 118 5.28 31.83 -11.11
CA ALA B 118 4.50 32.87 -10.43
C ALA B 118 5.11 33.30 -9.07
N GLY B 119 5.57 32.35 -8.29
CA GLY B 119 6.24 32.68 -7.03
C GLY B 119 7.49 33.51 -7.22
N ALA B 120 8.30 33.10 -8.21
CA ALA B 120 9.49 33.86 -8.58
C ALA B 120 9.11 35.27 -9.05
N GLN B 121 8.10 35.34 -9.92
CA GLN B 121 7.64 36.62 -10.46
C GLN B 121 7.25 37.60 -9.37
N GLU B 122 6.47 37.13 -8.39
CA GLU B 122 6.07 38.00 -7.29
C GLU B 122 7.26 38.39 -6.39
N MET B 123 8.17 37.45 -6.12
CA MET B 123 9.37 37.77 -5.34
C MET B 123 10.33 38.72 -6.10
N GLN B 124 10.44 38.54 -7.42
CA GLN B 124 11.21 39.46 -8.22
C GLN B 124 10.60 40.88 -8.22
N MET B 125 9.25 40.98 -8.23
CA MET B 125 8.61 42.30 -8.11
C MET B 125 8.95 42.95 -6.76
N MET B 126 9.03 42.13 -5.70
CA MET B 126 9.38 42.67 -4.37
C MET B 126 10.86 43.04 -4.28
N ALA B 127 11.74 42.17 -4.81
CA ALA B 127 13.18 42.48 -4.84
C ALA B 127 13.46 43.81 -5.54
N ASP B 128 12.84 43.98 -6.71
CA ASP B 128 12.95 45.23 -7.46
C ASP B 128 12.45 46.42 -6.64
N ARG B 129 11.26 46.31 -6.02
CA ARG B 129 10.74 47.44 -5.21
C ARG B 129 11.67 47.79 -4.03
N LEU B 130 12.13 46.79 -3.29
CA LEU B 130 13.01 47.03 -2.14
C LEU B 130 14.46 47.37 -2.48
N GLY B 131 14.87 47.25 -3.75
CA GLY B 131 16.28 47.45 -4.13
C GLY B 131 17.21 46.29 -3.79
N GLY B 132 16.66 45.08 -3.61
CA GLY B 132 17.50 43.89 -3.43
C GLY B 132 17.95 43.62 -2.01
N LYS B 133 17.35 44.35 -1.07
CA LYS B 133 17.69 44.25 0.35
C LYS B 133 16.48 44.67 1.17
N GLY B 134 16.36 44.10 2.38
CA GLY B 134 15.28 44.42 3.30
C GLY B 134 14.63 43.18 3.90
N ASN B 135 13.72 43.40 4.84
CA ASN B 135 13.02 42.34 5.59
C ASN B 135 11.56 42.13 5.13
N ILE B 136 11.19 40.89 4.83
CA ILE B 136 9.82 40.60 4.39
C ILE B 136 9.14 39.57 5.28
N VAL B 137 7.81 39.47 5.17
CA VAL B 137 7.04 38.32 5.66
C VAL B 137 6.33 37.67 4.48
N ILE B 138 6.02 36.39 4.59
CA ILE B 138 5.40 35.65 3.52
C ILE B 138 4.12 34.99 4.04
N LEU B 139 3.02 35.27 3.36
CA LEU B 139 1.73 34.66 3.63
C LEU B 139 1.53 33.54 2.61
N GLN B 140 1.31 32.34 3.13
CA GLN B 140 1.29 31.15 2.28
C GLN B 140 -0.09 30.63 2.08
N GLY B 141 -0.27 29.95 0.96
CA GLY B 141 -1.45 29.14 0.72
C GLY B 141 -1.57 27.96 1.71
N PRO B 142 -2.65 27.20 1.60
CA PRO B 142 -2.77 25.95 2.39
C PRO B 142 -1.53 25.07 2.29
N LEU B 143 -1.02 24.67 3.44
CA LEU B 143 0.27 24.01 3.49
C LEU B 143 0.14 22.66 2.81
N GLY B 144 1.06 22.37 1.89
CA GLY B 144 1.02 21.12 1.14
C GLY B 144 0.17 21.16 -0.13
N GLN B 145 -0.55 22.26 -0.40
CA GLN B 145 -1.24 22.41 -1.66
C GLN B 145 -0.14 22.73 -2.68
N SER B 146 -0.33 22.27 -3.90
CA SER B 146 0.75 22.42 -4.92
C SER B 146 1.11 23.87 -5.14
N GLY B 147 0.12 24.76 -5.09
CA GLY B 147 0.36 26.19 -5.30
C GLY B 147 1.23 26.81 -4.26
N GLU B 148 1.04 26.37 -3.02
CA GLU B 148 1.86 26.82 -1.91
C GLU B 148 3.27 26.24 -2.00
N LEU B 149 3.40 24.96 -2.34
CA LEU B 149 4.71 24.33 -2.44
C LEU B 149 5.48 24.99 -3.60
N ASP B 150 4.81 25.14 -4.71
CA ASP B 150 5.45 25.64 -5.94
C ASP B 150 5.77 27.11 -5.83
N ARG B 151 4.85 27.90 -5.28
CA ARG B 151 5.12 29.34 -5.15
C ARG B 151 6.25 29.50 -4.13
N SER B 152 6.25 28.71 -3.06
CA SER B 152 7.37 28.77 -2.12
C SER B 152 8.70 28.49 -2.82
N LYS B 153 8.73 27.44 -3.64
CA LYS B 153 9.96 27.08 -4.36
C LYS B 153 10.42 28.27 -5.24
N GLY B 154 9.48 28.93 -5.91
CA GLY B 154 9.82 30.01 -6.83
C GLY B 154 10.34 31.21 -6.08
N ILE B 155 9.67 31.51 -4.97
CA ILE B 155 10.11 32.61 -4.10
C ILE B 155 11.58 32.43 -3.64
N GLU B 156 11.91 31.20 -3.26
CA GLU B 156 13.24 30.86 -2.79
C GLU B 156 14.31 31.00 -3.86
N GLN B 157 13.99 30.64 -5.11
CA GLN B 157 14.93 30.77 -6.21
C GLN B 157 15.33 32.23 -6.32
N VAL B 158 14.36 33.13 -6.16
CA VAL B 158 14.67 34.55 -6.27
C VAL B 158 15.46 35.00 -5.04
N LEU B 159 15.03 34.57 -3.86
CA LEU B 159 15.76 34.92 -2.62
C LEU B 159 17.22 34.48 -2.64
N ALA B 160 17.52 33.39 -3.34
CA ALA B 160 18.90 32.95 -3.50
C ALA B 160 19.72 33.98 -4.29
N LYS B 161 19.08 34.68 -5.23
CA LYS B 161 19.80 35.76 -5.98
C LYS B 161 20.01 37.02 -5.16
N TYR B 162 19.24 37.20 -4.09
CA TYR B 162 19.33 38.42 -3.26
C TYR B 162 19.61 38.06 -1.80
N PRO B 163 20.86 37.70 -1.50
CA PRO B 163 21.16 37.27 -0.13
C PRO B 163 20.88 38.36 0.91
N ASP B 164 20.87 39.62 0.47
CA ASP B 164 20.52 40.74 1.33
C ASP B 164 19.07 40.82 1.79
N ILE B 165 18.16 40.11 1.13
CA ILE B 165 16.77 40.03 1.60
C ILE B 165 16.56 38.91 2.66
N LYS B 166 15.95 39.31 3.76
CA LYS B 166 15.78 38.46 4.93
C LYS B 166 14.30 38.22 5.21
N VAL B 167 13.94 36.97 5.42
CA VAL B 167 12.58 36.59 5.74
C VAL B 167 12.40 36.50 7.26
N LEU B 168 11.50 37.32 7.79
CA LEU B 168 11.28 37.38 9.23
C LEU B 168 10.34 36.29 9.69
N ALA B 169 9.32 36.03 8.87
CA ALA B 169 8.42 34.92 9.09
C ALA B 169 7.65 34.53 7.83
N LYS B 170 7.30 33.25 7.77
CA LYS B 170 6.41 32.72 6.76
C LYS B 170 5.39 31.80 7.44
N ASP B 171 4.14 31.90 7.01
CA ASP B 171 3.08 31.08 7.55
C ASP B 171 1.85 31.12 6.63
N THR B 172 0.91 30.23 6.87
CA THR B 172 -0.25 30.07 6.02
C THR B 172 -1.43 30.91 6.49
N ALA B 173 -2.17 31.44 5.53
CA ALA B 173 -3.52 31.87 5.78
C ALA B 173 -4.52 31.22 4.81
N ASN B 174 -4.16 30.08 4.19
CA ASN B 174 -5.12 29.19 3.53
C ASN B 174 -5.89 29.89 2.42
N TRP B 175 -5.22 30.85 1.76
CA TRP B 175 -5.76 31.70 0.70
C TRP B 175 -6.80 32.76 1.12
N LYS B 176 -7.08 32.86 2.43
CA LYS B 176 -8.18 33.65 2.94
C LYS B 176 -7.77 35.00 3.43
N ARG B 177 -8.56 36.01 3.07
CA ARG B 177 -8.30 37.36 3.53
C ARG B 177 -8.45 37.50 5.05
N ASP B 178 -9.51 36.92 5.63
CA ASP B 178 -9.70 37.06 7.09
C ASP B 178 -8.61 36.36 7.94
N GLU B 179 -8.12 35.20 7.51
CA GLU B 179 -6.98 34.57 8.22
C GLU B 179 -5.69 35.38 8.10
N ALA B 180 -5.45 35.95 6.91
CA ALA B 180 -4.29 36.82 6.69
C ALA B 180 -4.28 38.06 7.59
N VAL B 181 -5.45 38.64 7.85
CA VAL B 181 -5.52 39.77 8.75
C VAL B 181 -4.97 39.33 10.11
N ASN B 182 -5.41 38.17 10.59
CA ASN B 182 -4.98 37.70 11.93
C ASN B 182 -3.48 37.34 12.01
N LYS B 183 -2.94 36.72 10.97
CA LYS B 183 -1.51 36.39 10.95
C LYS B 183 -0.69 37.66 10.96
N MET B 184 -1.03 38.59 10.06
CA MET B 184 -0.28 39.85 9.93
C MET B 184 -0.45 40.72 11.19
N LYS B 185 -1.63 40.73 11.79
CA LYS B 185 -1.82 41.36 13.11
C LYS B 185 -0.89 40.84 14.21
N ASN B 186 -0.65 39.53 14.25
CA ASN B 186 0.27 38.96 15.23
CA ASN B 186 0.27 38.93 15.22
C ASN B 186 1.72 39.31 14.90
N TRP B 187 2.07 39.29 13.62
CA TRP B 187 3.42 39.65 13.18
C TRP B 187 3.77 41.12 13.45
N ILE B 188 2.78 41.99 13.31
CA ILE B 188 2.95 43.41 13.62
C ILE B 188 3.30 43.64 15.09
N SER B 189 2.64 42.90 15.99
CA SER B 189 2.97 43.00 17.43
C SER B 189 4.35 42.46 17.71
N GLY B 190 4.71 41.35 17.06
CA GLY B 190 5.96 40.66 17.30
C GLY B 190 7.19 41.38 16.78
N PHE B 191 7.11 41.94 15.58
CA PHE B 191 8.27 42.62 14.98
C PHE B 191 7.89 43.64 13.89
N GLY B 192 6.77 44.35 14.09
CA GLY B 192 6.26 45.39 13.19
C GLY B 192 7.20 46.26 12.35
N PRO B 193 7.91 47.21 12.99
CA PRO B 193 8.76 48.19 12.26
C PRO B 193 9.97 47.60 11.51
N GLN B 194 10.33 46.35 11.80
CA GLN B 194 11.34 45.65 11.01
C GLN B 194 10.80 45.16 9.65
N ILE B 195 9.47 45.17 9.47
CA ILE B 195 8.85 44.68 8.21
C ILE B 195 8.91 45.73 7.10
N ASP B 196 9.69 45.43 6.06
CA ASP B 196 9.82 46.31 4.91
C ASP B 196 8.91 45.93 3.75
N GLY B 197 8.36 44.72 3.76
CA GLY B 197 7.47 44.25 2.69
C GLY B 197 6.70 42.98 3.01
N VAL B 198 5.58 42.78 2.31
CA VAL B 198 4.80 41.54 2.45
C VAL B 198 4.71 40.83 1.10
N VAL B 199 5.09 39.56 1.07
CA VAL B 199 4.96 38.76 -0.12
C VAL B 199 3.79 37.81 0.16
N ALA B 200 2.65 38.06 -0.46
CA ALA B 200 1.45 37.22 -0.28
C ALA B 200 1.30 36.30 -1.46
N GLN B 201 1.18 34.99 -1.20
CA GLN B 201 1.00 33.99 -2.25
C GLN B 201 -0.29 34.12 -3.02
N ASN B 202 -1.26 34.90 -2.49
CA ASN B 202 -2.36 35.34 -3.34
C ASN B 202 -2.85 36.72 -2.97
N ASP B 203 -3.67 37.28 -3.86
CA ASP B 203 -4.21 38.60 -3.63
C ASP B 203 -5.05 38.68 -2.33
N ASP B 204 -5.87 37.67 -2.05
CA ASP B 204 -6.73 37.74 -0.84
C ASP B 204 -5.91 38.03 0.42
N MET B 205 -4.78 37.32 0.52
CA MET B 205 -3.98 37.35 1.71
C MET B 205 -3.21 38.68 1.77
N GLY B 206 -2.79 39.21 0.60
CA GLY B 206 -2.16 40.53 0.52
C GLY B 206 -3.11 41.64 0.96
N LEU B 207 -4.37 41.50 0.57
CA LEU B 207 -5.42 42.43 0.97
C LEU B 207 -5.69 42.38 2.48
N GLY B 208 -5.65 41.18 3.06
CA GLY B 208 -5.72 41.05 4.53
C GLY B 208 -4.55 41.72 5.25
N ALA B 209 -3.34 41.50 4.75
CA ALA B 209 -2.17 42.18 5.27
C ALA B 209 -2.37 43.68 5.23
N LEU B 210 -2.85 44.20 4.10
CA LEU B 210 -3.13 45.65 3.94
C LEU B 210 -4.08 46.21 4.99
N GLN B 211 -5.17 45.48 5.23
CA GLN B 211 -6.18 45.81 6.25
C GLN B 211 -5.56 45.84 7.66
N ALA B 212 -4.80 44.79 8.00
CA ALA B 212 -4.09 44.75 9.29
C ALA B 212 -3.13 45.94 9.46
N LEU B 213 -2.23 46.12 8.49
CA LEU B 213 -1.27 47.23 8.49
C LEU B 213 -1.95 48.56 8.73
N LYS B 214 -3.08 48.77 8.07
CA LYS B 214 -3.82 50.02 8.20
C LYS B 214 -4.35 50.19 9.64
N GLU B 215 -4.83 49.10 10.24
CA GLU B 215 -5.25 49.13 11.65
C GLU B 215 -4.11 49.48 12.61
N SER B 216 -2.89 49.03 12.30
CA SER B 216 -1.70 49.42 13.07
C SER B 216 -1.25 50.89 12.86
N GLY B 217 -1.92 51.64 11.99
CA GLY B 217 -1.51 53.03 11.68
C GLY B 217 -0.31 53.11 10.75
N ARG B 218 -0.12 52.06 9.95
CA ARG B 218 0.99 52.00 9.01
C ARG B 218 0.45 51.98 7.61
N THR B 219 1.20 52.58 6.70
CA THR B 219 0.71 52.86 5.37
C THR B 219 1.89 52.88 4.41
N GLY B 220 1.65 52.47 3.16
CA GLY B 220 2.67 52.54 2.13
C GLY B 220 3.68 51.41 2.16
N VAL B 221 3.38 50.36 2.92
CA VAL B 221 4.21 49.18 2.97
C VAL B 221 4.04 48.44 1.64
N PRO B 222 5.15 48.09 0.95
CA PRO B 222 4.96 47.33 -0.29
C PRO B 222 4.32 45.96 -0.05
N ILE B 223 3.29 45.64 -0.83
CA ILE B 223 2.63 44.33 -0.81
C ILE B 223 2.58 43.80 -2.26
N VAL B 224 2.82 42.50 -2.44
CA VAL B 224 2.68 41.91 -3.78
C VAL B 224 1.80 40.68 -3.64
N GLY B 225 0.96 40.44 -4.62
CA GLY B 225 0.11 39.26 -4.64
C GLY B 225 0.20 38.47 -5.91
N ILE B 226 -0.72 37.51 -6.03
CA ILE B 226 -0.91 36.68 -7.20
C ILE B 226 -2.41 36.40 -7.32
N ASP B 227 -2.92 36.57 -8.53
CA ASP B 227 -4.24 36.12 -9.07
C ASP B 227 -4.87 37.19 -9.97
N GLY B 228 -4.70 38.45 -9.59
CA GLY B 228 -5.47 39.52 -10.22
C GLY B 228 -6.96 39.30 -10.11
N ILE B 229 -7.44 38.95 -8.92
CA ILE B 229 -8.85 39.09 -8.65
C ILE B 229 -9.21 40.57 -8.66
N GLU B 230 -10.49 40.86 -8.79
CA GLU B 230 -10.96 42.26 -8.79
C GLU B 230 -10.27 43.16 -7.74
N ASP B 231 -10.29 42.78 -6.46
CA ASP B 231 -9.73 43.68 -5.44
C ASP B 231 -8.21 43.81 -5.49
N GLY B 232 -7.58 42.79 -6.04
CA GLY B 232 -6.16 42.73 -6.27
C GLY B 232 -5.77 43.63 -7.41
N LEU B 233 -6.56 43.60 -8.48
CA LEU B 233 -6.33 44.58 -9.58
C LEU B 233 -6.52 46.00 -9.10
N ASN B 234 -7.55 46.27 -8.28
CA ASN B 234 -7.73 47.60 -7.73
C ASN B 234 -6.54 48.04 -6.88
N ALA B 235 -5.98 47.12 -6.10
CA ALA B 235 -4.79 47.41 -5.29
C ALA B 235 -3.59 47.78 -6.18
N VAL B 236 -3.42 47.10 -7.30
CA VAL B 236 -2.32 47.45 -8.21
C VAL B 236 -2.55 48.86 -8.76
N LYS B 237 -3.76 49.13 -9.23
CA LYS B 237 -4.06 50.48 -9.76
C LYS B 237 -3.87 51.63 -8.76
N SER B 238 -4.21 51.38 -7.49
CA SER B 238 -4.13 52.41 -6.45
C SER B 238 -2.74 52.54 -5.83
N GLY B 239 -1.89 51.55 -6.10
CA GLY B 239 -0.58 51.45 -5.48
C GLY B 239 -0.55 50.77 -4.12
N ASP B 240 -1.71 50.31 -3.64
CA ASP B 240 -1.80 49.55 -2.38
C ASP B 240 -1.02 48.23 -2.50
N PHE B 241 -0.88 47.72 -3.74
CA PHE B 241 -0.05 46.55 -4.10
C PHE B 241 0.96 47.08 -5.10
N ILE B 242 2.18 46.56 -5.09
CA ILE B 242 3.17 46.91 -6.11
C ILE B 242 2.97 46.22 -7.43
N GLY B 243 2.17 45.16 -7.43
CA GLY B 243 1.90 44.37 -8.62
C GLY B 243 1.21 43.08 -8.23
N THR B 244 0.73 42.36 -9.23
CA THR B 244 0.27 41.01 -9.02
C THR B 244 0.54 40.21 -10.28
N SER B 245 0.08 38.97 -10.31
CA SER B 245 0.19 38.10 -11.51
C SER B 245 -1.20 37.62 -11.86
N LEU B 246 -1.62 37.79 -13.11
CA LEU B 246 -2.95 37.39 -13.51
C LEU B 246 -3.12 35.90 -13.62
N GLN B 247 -4.10 35.39 -12.86
CA GLN B 247 -4.60 34.04 -13.02
C GLN B 247 -6.12 34.17 -13.20
N ASN B 248 -6.54 34.24 -14.44
CA ASN B 248 -7.95 34.47 -14.71
C ASN B 248 -8.59 33.10 -14.72
N GLY B 249 -9.29 32.77 -13.63
CA GLY B 249 -9.85 31.45 -13.46
C GLY B 249 -10.89 31.16 -14.53
N THR B 250 -11.58 32.16 -15.06
CA THR B 250 -12.55 31.89 -16.10
C THR B 250 -11.89 31.26 -17.32
N VAL B 251 -10.67 31.70 -17.62
CA VAL B 251 -9.90 31.11 -18.69
C VAL B 251 -9.28 29.77 -18.26
N GLU B 252 -8.54 29.75 -17.15
CA GLU B 252 -7.84 28.55 -16.77
C GLU B 252 -8.77 27.39 -16.46
N LEU B 253 -9.85 27.65 -15.74
CA LEU B 253 -10.73 26.58 -15.37
C LEU B 253 -11.56 26.08 -16.54
N ALA B 254 -11.91 26.97 -17.47
CA ALA B 254 -12.59 26.55 -18.69
C ALA B 254 -11.68 25.70 -19.57
N ALA B 255 -10.40 26.06 -19.63
CA ALA B 255 -9.42 25.24 -20.35
C ALA B 255 -9.35 23.86 -19.70
N GLY B 256 -9.37 23.81 -18.37
CA GLY B 256 -9.41 22.54 -17.65
C GLY B 256 -10.64 21.72 -18.00
N LEU B 257 -11.80 22.40 -18.02
CA LEU B 257 -13.04 21.77 -18.42
C LEU B 257 -13.00 21.26 -19.87
N ALA B 258 -12.43 22.04 -20.79
CA ALA B 258 -12.28 21.60 -22.19
C ALA B 258 -11.46 20.34 -22.30
N VAL B 259 -10.36 20.26 -21.53
CA VAL B 259 -9.49 19.06 -21.59
C VAL B 259 -10.23 17.82 -21.09
N ALA B 260 -10.87 17.94 -19.93
CA ALA B 260 -11.63 16.83 -19.36
C ALA B 260 -12.73 16.33 -20.29
N ASN B 261 -13.46 17.27 -20.90
CA ASN B 261 -14.51 16.92 -21.87
C ASN B 261 -13.96 16.18 -23.11
N ARG B 262 -12.88 16.69 -23.69
CA ARG B 262 -12.28 16.00 -24.83
C ARG B 262 -11.79 14.61 -24.42
N LEU B 263 -11.19 14.50 -23.24
CA LEU B 263 -10.78 13.19 -22.73
C LEU B 263 -11.99 12.26 -22.52
N ALA B 264 -13.06 12.78 -21.94
CA ALA B 264 -14.30 11.99 -21.79
C ALA B 264 -14.84 11.46 -23.11
N LYS B 265 -14.79 12.27 -24.16
CA LYS B 265 -15.34 11.85 -25.46
C LYS B 265 -14.34 11.08 -26.32
N GLY B 266 -13.14 10.82 -25.79
CA GLY B 266 -12.13 10.04 -26.49
C GLY B 266 -11.50 10.75 -27.67
N GLU B 267 -11.51 12.08 -27.63
CA GLU B 267 -10.97 12.95 -28.67
C GLU B 267 -9.53 13.41 -28.36
N PRO B 268 -8.68 13.59 -29.39
CA PRO B 268 -7.35 14.09 -29.06
C PRO B 268 -7.36 15.52 -28.51
N VAL B 269 -6.41 15.78 -27.63
CA VAL B 269 -6.28 17.06 -26.97
C VAL B 269 -4.91 17.12 -26.34
N ASN B 270 -4.36 18.33 -26.19
CA ASN B 270 -3.19 18.52 -25.35
C ASN B 270 -3.62 18.21 -23.91
N LYS B 271 -3.10 17.12 -23.33
CA LYS B 271 -3.45 16.66 -21.96
C LYS B 271 -2.82 17.47 -20.83
N GLU B 272 -1.82 18.30 -21.14
CA GLU B 272 -0.99 18.93 -20.13
C GLU B 272 -0.58 20.36 -20.52
N PRO B 273 -1.57 21.18 -20.88
CA PRO B 273 -1.26 22.56 -21.17
C PRO B 273 -0.91 23.29 -19.90
N VAL B 274 -0.10 24.33 -20.03
CA VAL B 274 0.33 25.15 -18.89
C VAL B 274 -0.08 26.61 -19.03
N TYR B 275 -0.72 27.12 -17.98
CA TYR B 275 -1.15 28.51 -17.84
C TYR B 275 0.00 29.37 -17.27
N ILE B 276 0.54 30.29 -18.08
CA ILE B 276 1.58 31.21 -17.63
C ILE B 276 0.95 32.53 -17.23
N MET B 277 1.08 32.87 -15.96
CA MET B 277 0.50 34.11 -15.43
C MET B 277 1.25 35.34 -15.90
N PRO B 278 0.58 36.25 -16.61
CA PRO B 278 1.31 37.47 -16.97
C PRO B 278 1.46 38.46 -15.79
N ALA B 279 2.55 39.22 -15.81
CA ALA B 279 2.74 40.30 -14.84
C ALA B 279 1.68 41.39 -15.00
N ILE B 280 1.00 41.75 -13.90
CA ILE B 280 0.14 42.96 -13.89
C ILE B 280 0.84 44.08 -13.11
N THR B 281 0.99 45.24 -13.75
CA THR B 281 1.49 46.46 -13.16
C THR B 281 0.50 47.59 -13.49
N LYS B 282 0.81 48.81 -13.06
CA LYS B 282 -0.04 49.95 -13.42
C LYS B 282 -0.16 50.16 -14.92
N ASP B 283 0.82 49.68 -15.69
CA ASP B 283 0.81 49.85 -17.15
C ASP B 283 -0.28 49.05 -17.86
N ASN B 284 -0.60 47.84 -17.34
CA ASN B 284 -1.56 46.98 -18.04
C ASN B 284 -2.78 46.57 -17.21
N VAL B 285 -2.87 47.09 -15.98
CA VAL B 285 -3.95 46.68 -15.06
C VAL B 285 -5.34 47.08 -15.60
N ASP B 286 -5.40 48.17 -16.37
CA ASP B 286 -6.66 48.62 -16.97
C ASP B 286 -7.30 47.56 -17.90
N VAL B 287 -6.49 46.85 -18.67
CA VAL B 287 -6.99 45.79 -19.55
C VAL B 287 -7.51 44.58 -18.73
N ALA B 288 -6.74 44.22 -17.71
CA ALA B 288 -7.11 43.16 -16.81
C ALA B 288 -8.44 43.50 -16.16
N ILE B 289 -8.58 44.76 -15.70
CA ILE B 289 -9.86 45.21 -15.11
C ILE B 289 -11.04 45.07 -16.09
N GLU B 290 -10.84 45.40 -17.38
CA GLU B 290 -11.89 45.18 -18.41
C GLU B 290 -12.35 43.73 -18.50
N HIS B 291 -11.39 42.82 -18.61
CA HIS B 291 -11.68 41.39 -18.81
C HIS B 291 -12.26 40.71 -17.60
N VAL B 292 -11.69 41.04 -16.44
CA VAL B 292 -12.04 40.41 -15.17
C VAL B 292 -13.23 41.09 -14.50
N VAL B 293 -13.38 42.41 -14.68
CA VAL B 293 -14.38 43.17 -13.91
C VAL B 293 -15.44 43.89 -14.73
N THR B 294 -15.04 44.96 -15.40
CA THR B 294 -15.98 45.90 -15.98
C THR B 294 -16.66 45.40 -17.28
N GLU B 295 -15.90 44.74 -18.15
CA GLU B 295 -16.45 44.16 -19.40
C GLU B 295 -16.41 42.63 -19.37
N ARG B 296 -16.75 42.08 -18.21
CA ARG B 296 -16.60 40.67 -17.96
C ARG B 296 -17.56 39.80 -18.80
N GLN B 297 -18.81 40.25 -18.94
CA GLN B 297 -19.77 39.53 -19.75
C GLN B 297 -19.35 39.50 -21.23
N GLN B 298 -18.85 40.63 -21.73
CA GLN B 298 -18.24 40.72 -23.07
C GLN B 298 -17.17 39.63 -23.26
N PHE B 299 -16.28 39.50 -22.28
CA PHE B 299 -15.20 38.50 -22.31
C PHE B 299 -15.74 37.06 -22.34
N LEU B 300 -16.75 36.80 -21.54
CA LEU B 300 -17.28 35.46 -21.40
C LEU B 300 -18.05 34.99 -22.66
N ASP B 301 -18.53 35.91 -23.50
CA ASP B 301 -19.18 35.57 -24.79
C ASP B 301 -18.18 34.94 -25.79
N GLY B 302 -16.92 35.34 -25.69
CA GLY B 302 -15.90 34.83 -26.58
C GLY B 302 -15.14 33.65 -26.01
N LEU B 303 -15.53 33.17 -24.84
CA LEU B 303 -14.67 32.28 -24.09
C LEU B 303 -14.45 30.91 -24.74
N THR B 304 -15.52 30.28 -25.19
CA THR B 304 -15.38 28.97 -25.80
C THR B 304 -14.40 29.01 -26.99
N GLU B 305 -14.48 30.03 -27.83
CA GLU B 305 -13.58 30.12 -28.98
C GLU B 305 -12.16 30.54 -28.59
N LEU B 306 -12.03 31.35 -27.53
CA LEU B 306 -10.71 31.66 -26.98
C LEU B 306 -10.03 30.38 -26.49
N ILE B 307 -10.79 29.56 -25.77
CA ILE B 307 -10.27 28.31 -25.26
C ILE B 307 -9.79 27.37 -26.38
N ASN B 308 -10.60 27.21 -27.42
CA ASN B 308 -10.24 26.31 -28.49
C ASN B 308 -9.00 26.76 -29.26
N LYS B 309 -8.85 28.08 -29.48
CA LYS B 309 -7.63 28.59 -30.13
C LYS B 309 -6.41 28.35 -29.27
N ASN B 310 -6.54 28.65 -27.98
CA ASN B 310 -5.43 28.46 -27.06
C ASN B 310 -4.99 26.99 -26.87
N LEU B 311 -5.90 26.03 -27.07
CA LEU B 311 -5.55 24.59 -26.99
C LEU B 311 -4.69 24.11 -28.14
N GLU B 312 -4.76 24.80 -29.28
CA GLU B 312 -3.92 24.48 -30.43
C GLU B 312 -2.50 25.01 -30.30
N THR B 313 -2.34 26.15 -29.63
CA THR B 313 -1.02 26.73 -29.41
C THR B 313 -0.42 26.17 -28.11
N GLY B 314 -1.30 25.75 -27.20
CA GLY B 314 -0.90 25.38 -25.86
C GLY B 314 -0.86 26.57 -24.89
N ASP B 315 -1.06 27.78 -25.41
CA ASP B 315 -0.90 29.01 -24.60
C ASP B 315 -2.22 29.39 -23.93
N ILE B 316 -2.66 28.57 -22.99
CA ILE B 316 -4.00 28.69 -22.41
C ILE B 316 -4.23 29.93 -21.57
N ALA B 317 -3.17 30.66 -21.26
CA ALA B 317 -3.35 31.92 -20.54
C ALA B 317 -3.65 33.08 -21.49
N TYR B 318 -3.45 32.89 -22.79
CA TYR B 318 -3.48 34.04 -23.67
C TYR B 318 -4.86 34.68 -23.65
N GLU B 319 -4.92 35.96 -23.24
CA GLU B 319 -6.17 36.70 -23.35
C GLU B 319 -6.04 38.12 -23.85
N GLY B 320 -4.86 38.48 -24.36
CA GLY B 320 -4.64 39.83 -24.85
C GLY B 320 -4.21 40.82 -23.76
N ILE B 321 -3.62 40.33 -22.67
CA ILE B 321 -3.00 41.24 -21.71
C ILE B 321 -1.68 41.80 -22.31
N PRO B 322 -1.49 43.13 -22.31
CA PRO B 322 -0.18 43.71 -22.60
C PRO B 322 0.99 43.01 -21.92
N GLY B 323 1.92 42.54 -22.73
CA GLY B 323 3.04 41.73 -22.28
C GLY B 323 2.88 40.24 -22.63
N GLN B 324 1.72 39.85 -23.15
CA GLN B 324 1.53 38.46 -23.65
C GLN B 324 1.77 38.50 -25.16
N LYS B 325 2.44 37.48 -25.72
CA LYS B 325 2.73 37.43 -27.15
C LYS B 325 1.49 37.06 -27.99
N ASP C 11 9.64 -37.31 -4.78
CA ASP C 11 8.59 -36.37 -4.25
C ASP C 11 8.15 -35.33 -5.27
N THR C 12 8.83 -35.33 -6.40
CA THR C 12 8.47 -34.47 -7.52
C THR C 12 7.07 -34.83 -8.05
N THR C 13 6.25 -33.81 -8.32
CA THR C 13 4.92 -34.03 -8.87
C THR C 13 5.02 -33.95 -10.37
N ARG C 14 4.64 -35.01 -11.07
CA ARG C 14 4.77 -35.06 -12.53
C ARG C 14 3.46 -34.75 -13.17
N ILE C 15 3.39 -33.67 -13.94
CA ILE C 15 2.18 -33.23 -14.58
C ILE C 15 2.37 -33.20 -16.09
N GLY C 16 1.58 -34.00 -16.78
CA GLY C 16 1.55 -33.99 -18.22
C GLY C 16 0.81 -32.78 -18.76
N VAL C 17 1.28 -32.21 -19.88
CA VAL C 17 0.60 -31.11 -20.54
C VAL C 17 0.63 -31.39 -22.04
N THR C 18 -0.53 -31.69 -22.60
CA THR C 18 -0.59 -31.91 -24.03
C THR C 18 -1.36 -30.79 -24.66
N VAL C 19 -0.67 -29.99 -25.50
CA VAL C 19 -1.29 -28.80 -26.10
C VAL C 19 -1.69 -29.03 -27.54
N TYR C 20 -2.73 -28.34 -28.00
CA TYR C 20 -3.24 -28.53 -29.38
C TYR C 20 -2.13 -28.21 -30.41
N ASP C 21 -1.27 -27.23 -30.10
CA ASP C 21 -0.24 -26.72 -31.01
C ASP C 21 0.60 -25.67 -30.28
N MET C 22 1.80 -25.41 -30.78
CA MET C 22 2.66 -24.40 -30.18
C MET C 22 2.35 -23.01 -30.75
N SER C 23 1.17 -22.50 -30.44
CA SER C 23 0.82 -21.14 -30.85
C SER C 23 1.62 -20.12 -30.06
N SER C 24 1.55 -18.85 -30.48
CA SER C 24 2.27 -17.76 -29.82
C SER C 24 1.82 -17.64 -28.37
N PHE C 25 0.51 -17.76 -28.16
CA PHE C 25 -0.05 -17.70 -26.81
C PHE C 25 0.51 -18.84 -25.94
N ILE C 26 0.47 -20.09 -26.46
CA ILE C 26 0.92 -21.23 -25.67
C ILE C 26 2.43 -21.17 -25.36
N THR C 27 3.23 -20.86 -26.39
CA THR C 27 4.66 -20.73 -26.26
C THR C 27 5.05 -19.71 -25.17
N ALA C 28 4.44 -18.51 -25.20
CA ALA C 28 4.70 -17.49 -24.17
C ALA C 28 4.22 -17.97 -22.81
N GLY C 29 3.06 -18.62 -22.82
CA GLY C 29 2.41 -19.02 -21.56
C GLY C 29 3.20 -20.09 -20.82
N LYS C 30 3.90 -20.93 -21.57
CA LYS C 30 4.71 -21.99 -20.96
C LYS C 30 5.69 -21.43 -19.95
N GLU C 31 6.27 -20.26 -20.22
CA GLU C 31 7.22 -19.67 -19.29
C GLU C 31 6.60 -19.47 -17.87
N GLY C 32 5.31 -19.19 -17.82
CA GLY C 32 4.61 -19.06 -16.53
C GLY C 32 4.47 -20.43 -15.87
N MET C 33 4.16 -21.46 -16.64
CA MET C 33 4.10 -22.81 -16.05
C MET C 33 5.47 -23.19 -15.51
N ASP C 34 6.52 -22.90 -16.27
CA ASP C 34 7.86 -23.21 -15.86
C ASP C 34 8.22 -22.53 -14.52
N ALA C 35 7.85 -21.27 -14.36
CA ALA C 35 8.16 -20.54 -13.16
C ALA C 35 7.46 -21.15 -11.96
N TYR C 36 6.17 -21.41 -12.14
CA TYR C 36 5.37 -22.01 -11.06
C TYR C 36 5.87 -23.43 -10.71
N ALA C 37 6.23 -24.20 -11.75
CA ALA C 37 6.75 -25.57 -11.54
C ALA C 37 8.08 -25.56 -10.80
N LYS C 38 8.95 -24.61 -11.11
CA LYS C 38 10.27 -24.49 -10.45
C LYS C 38 10.04 -24.21 -8.95
N ASP C 39 9.08 -23.37 -8.66
CA ASP C 39 8.85 -23.04 -7.26
C ASP C 39 8.12 -24.13 -6.45
N ASN C 40 7.59 -25.14 -7.11
CA ASN C 40 6.76 -26.11 -6.43
C ASN C 40 7.12 -27.57 -6.67
N ASN C 41 8.33 -27.80 -7.15
CA ASN C 41 8.83 -29.17 -7.42
C ASN C 41 7.91 -29.96 -8.35
N ILE C 42 7.49 -29.34 -9.42
CA ILE C 42 6.66 -29.96 -10.45
C ILE C 42 7.53 -30.24 -11.70
N GLU C 43 7.46 -31.46 -12.23
CA GLU C 43 8.12 -31.78 -13.51
C GLU C 43 7.02 -31.76 -14.56
N LEU C 44 7.15 -30.90 -15.58
CA LEU C 44 6.20 -30.90 -16.64
C LEU C 44 6.62 -31.92 -17.67
N ILE C 45 5.64 -32.72 -18.09
CA ILE C 45 5.83 -33.61 -19.24
C ILE C 45 5.10 -33.03 -20.42
N TRP C 46 5.85 -32.30 -21.27
CA TRP C 46 5.24 -31.47 -22.31
C TRP C 46 5.13 -32.16 -23.63
N ASN C 47 4.00 -32.00 -24.29
CA ASN C 47 3.82 -32.49 -25.67
C ASN C 47 2.89 -31.58 -26.42
N SER C 48 2.99 -31.65 -27.74
CA SER C 48 2.18 -30.84 -28.67
C SER C 48 1.65 -31.75 -29.76
N ALA C 49 0.37 -31.54 -30.11
CA ALA C 49 -0.41 -32.49 -30.91
C ALA C 49 -0.67 -32.12 -32.38
N ASN C 50 -0.08 -31.03 -32.88
CA ASN C 50 -0.08 -30.77 -34.33
C ASN C 50 -1.52 -30.57 -34.83
N LEU C 51 -2.41 -30.01 -33.98
CA LEU C 51 -3.83 -29.80 -34.34
C LEU C 51 -4.58 -31.08 -34.78
N ASP C 52 -4.19 -32.22 -34.26
CA ASP C 52 -4.75 -33.49 -34.68
C ASP C 52 -5.37 -34.14 -33.44
N VAL C 53 -6.67 -34.35 -33.47
CA VAL C 53 -7.36 -34.93 -32.32
C VAL C 53 -6.82 -36.30 -31.98
N SER C 54 -6.65 -37.16 -32.99
CA SER C 54 -6.17 -38.53 -32.75
C SER C 54 -4.77 -38.52 -32.08
N THR C 55 -3.93 -37.62 -32.56
CA THR C 55 -2.61 -37.46 -31.98
C THR C 55 -2.72 -37.08 -30.52
N GLN C 56 -3.57 -36.10 -30.23
CA GLN C 56 -3.71 -35.69 -28.86
C GLN C 56 -4.25 -36.82 -27.95
N ALA C 57 -5.21 -37.60 -28.49
CA ALA C 57 -5.73 -38.75 -27.77
C ALA C 57 -4.59 -39.68 -27.40
N SER C 58 -3.69 -39.99 -28.34
CA SER C 58 -2.59 -40.84 -28.01
C SER C 58 -1.61 -40.22 -27.00
N GLN C 59 -1.37 -38.93 -27.09
CA GLN C 59 -0.56 -38.23 -26.07
C GLN C 59 -1.10 -38.37 -24.64
N VAL C 60 -2.41 -38.21 -24.48
CA VAL C 60 -3.08 -38.40 -23.16
C VAL C 60 -2.90 -39.86 -22.73
N ASP C 61 -3.11 -40.81 -23.65
CA ASP C 61 -2.95 -42.20 -23.34
C ASP C 61 -1.50 -42.53 -22.88
N SER C 62 -0.51 -41.94 -23.54
CA SER C 62 0.88 -42.13 -23.16
C SER C 62 1.21 -41.60 -21.77
N MET C 63 0.67 -40.44 -21.43
CA MET C 63 0.82 -39.83 -20.10
C MET C 63 0.16 -40.69 -19.03
N ILE C 64 -1.02 -41.20 -19.33
CA ILE C 64 -1.68 -42.16 -18.42
C ILE C 64 -0.76 -43.37 -18.22
N ASN C 65 -0.20 -43.90 -19.31
CA ASN C 65 0.63 -45.07 -19.17
CA ASN C 65 0.67 -45.08 -19.24
C ASN C 65 1.95 -44.79 -18.47
N GLN C 66 2.45 -43.57 -18.58
CA GLN C 66 3.65 -43.12 -17.83
C GLN C 66 3.37 -42.96 -16.30
N GLY C 67 2.12 -42.99 -15.89
CA GLY C 67 1.77 -42.86 -14.48
C GLY C 67 1.97 -41.46 -13.90
N VAL C 68 1.70 -40.41 -14.71
CA VAL C 68 1.89 -39.07 -14.19
C VAL C 68 0.86 -38.81 -13.10
N ASP C 69 1.10 -37.78 -12.32
CA ASP C 69 0.21 -37.45 -11.19
C ASP C 69 -1.04 -36.67 -11.58
N ALA C 70 -0.96 -35.94 -12.69
CA ALA C 70 -2.07 -35.22 -13.26
C ALA C 70 -1.79 -34.93 -14.73
N ILE C 71 -2.86 -34.64 -15.47
CA ILE C 71 -2.76 -34.35 -16.90
C ILE C 71 -3.53 -33.08 -17.21
N ILE C 72 -2.86 -32.13 -17.81
CA ILE C 72 -3.51 -30.96 -18.39
C ILE C 72 -3.61 -31.17 -19.87
N VAL C 73 -4.80 -30.94 -20.40
CA VAL C 73 -5.02 -31.03 -21.82
C VAL C 73 -5.47 -29.65 -22.31
N VAL C 74 -4.92 -29.18 -23.43
CA VAL C 74 -5.42 -27.96 -24.06
C VAL C 74 -6.04 -28.49 -25.39
N PRO C 75 -7.30 -28.87 -25.35
CA PRO C 75 -7.86 -29.70 -26.41
C PRO C 75 -7.99 -29.08 -27.81
N VAL C 76 -7.56 -29.87 -28.80
CA VAL C 76 -7.68 -29.52 -30.20
C VAL C 76 -9.13 -29.19 -30.53
N GLN C 77 -10.08 -30.00 -30.05
CA GLN C 77 -11.51 -29.76 -30.30
C GLN C 77 -12.30 -30.06 -29.05
N ALA C 78 -13.40 -29.35 -28.87
CA ALA C 78 -14.23 -29.53 -27.66
C ALA C 78 -14.99 -30.86 -27.65
N ASP C 79 -15.44 -31.34 -28.81
CA ASP C 79 -16.23 -32.55 -28.87
C ASP C 79 -15.35 -33.73 -29.22
N SER C 80 -14.56 -34.18 -28.24
CA SER C 80 -13.56 -35.19 -28.49
C SER C 80 -13.04 -35.73 -27.14
N LEU C 81 -12.26 -36.79 -27.26
CA LEU C 81 -11.42 -37.34 -26.19
C LEU C 81 -12.21 -38.06 -25.07
N ALA C 82 -13.48 -38.41 -25.28
CA ALA C 82 -14.22 -39.08 -24.19
C ALA C 82 -13.50 -40.35 -23.66
N PRO C 83 -12.91 -41.17 -24.55
CA PRO C 83 -12.31 -42.38 -23.98
C PRO C 83 -11.10 -42.06 -23.09
N GLN C 84 -10.36 -41.02 -23.45
CA GLN C 84 -9.20 -40.62 -22.65
C GLN C 84 -9.61 -40.00 -21.31
N VAL C 85 -10.67 -39.20 -21.35
CA VAL C 85 -11.30 -38.65 -20.13
C VAL C 85 -11.65 -39.79 -19.19
N ALA C 86 -12.31 -40.82 -19.72
CA ALA C 86 -12.73 -41.96 -18.94
C ALA C 86 -11.56 -42.78 -18.42
N SER C 87 -10.52 -42.99 -19.25
CA SER C 87 -9.35 -43.72 -18.79
CA SER C 87 -9.33 -43.72 -18.80
C SER C 87 -8.58 -43.02 -17.66
N ALA C 88 -8.44 -41.71 -17.75
CA ALA C 88 -7.78 -40.94 -16.69
C ALA C 88 -8.51 -41.12 -15.36
N LYS C 89 -9.83 -41.02 -15.42
CA LYS C 89 -10.64 -41.19 -14.18
C LYS C 89 -10.44 -42.60 -13.64
N ALA C 90 -10.47 -43.62 -14.51
CA ALA C 90 -10.23 -45.01 -14.08
C ALA C 90 -8.90 -45.21 -13.39
N LYS C 91 -7.86 -44.54 -13.87
CA LYS C 91 -6.53 -44.69 -13.30
C LYS C 91 -6.28 -43.74 -12.14
N GLY C 92 -7.29 -42.94 -11.79
CA GLY C 92 -7.16 -41.98 -10.70
C GLY C 92 -6.18 -40.85 -10.95
N ILE C 93 -6.03 -40.47 -12.23
CA ILE C 93 -5.21 -39.33 -12.61
C ILE C 93 -6.13 -38.17 -12.95
N PRO C 94 -6.08 -37.08 -12.15
CA PRO C 94 -6.86 -35.87 -12.48
C PRO C 94 -6.56 -35.33 -13.86
N LEU C 95 -7.62 -35.16 -14.67
CA LEU C 95 -7.49 -34.58 -16.02
C LEU C 95 -8.20 -33.24 -16.00
N VAL C 96 -7.43 -32.22 -16.34
CA VAL C 96 -7.82 -30.84 -16.24
C VAL C 96 -7.61 -30.13 -17.58
N PRO C 97 -8.68 -29.95 -18.37
CA PRO C 97 -8.62 -29.00 -19.45
C PRO C 97 -8.21 -27.60 -18.98
N VAL C 98 -7.27 -26.99 -19.71
CA VAL C 98 -6.88 -25.62 -19.44
C VAL C 98 -6.84 -24.86 -20.73
N ASN C 99 -7.33 -23.62 -20.74
CA ASN C 99 -7.23 -22.67 -21.87
C ASN C 99 -8.24 -22.96 -22.97
N ALA C 100 -8.32 -24.23 -23.39
CA ALA C 100 -9.37 -24.71 -24.28
C ALA C 100 -10.10 -25.77 -23.54
N ALA C 101 -11.35 -25.94 -23.90
CA ALA C 101 -12.28 -26.78 -23.13
C ALA C 101 -12.74 -28.03 -23.87
N LEU C 102 -13.11 -29.06 -23.10
CA LEU C 102 -13.91 -30.18 -23.59
C LEU C 102 -15.36 -30.01 -23.20
N ASP C 103 -16.24 -30.51 -24.04
CA ASP C 103 -17.67 -30.52 -23.76
C ASP C 103 -17.97 -31.77 -22.95
N SER C 104 -17.30 -31.88 -21.80
CA SER C 104 -17.41 -33.04 -20.93
C SER C 104 -17.42 -32.57 -19.48
N LYS C 105 -18.27 -33.21 -18.67
CA LYS C 105 -18.27 -33.03 -17.22
C LYS C 105 -17.49 -34.08 -16.44
N ASP C 106 -16.83 -35.01 -17.13
CA ASP C 106 -16.17 -36.13 -16.46
C ASP C 106 -14.68 -35.88 -16.19
N ILE C 107 -14.32 -34.61 -16.21
CA ILE C 107 -12.98 -34.12 -15.94
C ILE C 107 -12.86 -33.73 -14.48
N ALA C 108 -11.63 -33.57 -14.00
CA ALA C 108 -11.39 -33.32 -12.57
C ALA C 108 -11.32 -31.83 -12.24
N GLY C 109 -11.09 -31.01 -13.22
CA GLY C 109 -11.00 -29.55 -13.05
C GLY C 109 -11.10 -28.91 -14.40
N ASN C 110 -11.15 -27.59 -14.44
CA ASN C 110 -11.40 -26.92 -15.72
C ASN C 110 -11.04 -25.46 -15.59
N VAL C 111 -9.96 -25.03 -16.22
CA VAL C 111 -9.47 -23.67 -16.01
C VAL C 111 -9.46 -22.94 -17.32
N GLN C 112 -10.46 -22.11 -17.50
CA GLN C 112 -10.76 -21.59 -18.83
C GLN C 112 -10.93 -20.09 -18.85
N PRO C 113 -10.64 -19.47 -19.98
CA PRO C 113 -11.05 -18.09 -20.17
C PRO C 113 -12.55 -18.02 -20.44
N ASP C 114 -13.12 -16.82 -20.31
CA ASP C 114 -14.49 -16.58 -20.79
C ASP C 114 -14.36 -16.12 -22.25
N ASP C 115 -14.34 -17.10 -23.15
CA ASP C 115 -14.11 -16.83 -24.58
C ASP C 115 -15.33 -16.23 -25.24
N VAL C 116 -16.52 -16.57 -24.74
CA VAL C 116 -17.75 -15.94 -25.27
C VAL C 116 -17.67 -14.44 -24.98
N ALA C 117 -17.28 -14.07 -23.76
CA ALA C 117 -17.20 -12.69 -23.41
C ALA C 117 -16.13 -11.98 -24.21
N ALA C 118 -15.00 -12.65 -24.42
CA ALA C 118 -13.90 -12.08 -25.22
C ALA C 118 -14.32 -11.84 -26.68
N GLY C 119 -15.10 -12.79 -27.25
CA GLY C 119 -15.60 -12.63 -28.61
C GLY C 119 -16.53 -11.43 -28.71
N ALA C 120 -17.45 -11.32 -27.76
CA ALA C 120 -18.36 -10.17 -27.70
C ALA C 120 -17.59 -8.84 -27.55
N GLN C 121 -16.50 -8.88 -26.78
CA GLN C 121 -15.67 -7.69 -26.50
C GLN C 121 -14.88 -7.22 -27.74
N GLU C 122 -14.31 -8.14 -28.50
CA GLU C 122 -13.60 -7.73 -29.71
C GLU C 122 -14.59 -7.21 -30.75
N MET C 123 -15.76 -7.85 -30.88
CA MET C 123 -16.77 -7.34 -31.83
C MET C 123 -17.31 -5.96 -31.38
N GLN C 124 -17.55 -5.78 -30.09
CA GLN C 124 -17.95 -4.44 -29.61
C GLN C 124 -16.88 -3.40 -29.93
N MET C 125 -15.59 -3.74 -29.74
CA MET C 125 -14.55 -2.80 -30.13
C MET C 125 -14.73 -2.37 -31.60
N MET C 126 -14.94 -3.35 -32.48
CA MET C 126 -15.08 -3.04 -33.90
C MET C 126 -16.39 -2.29 -34.17
N ALA C 127 -17.46 -2.68 -33.49
CA ALA C 127 -18.74 -2.02 -33.67
C ALA C 127 -18.58 -0.55 -33.36
N ASP C 128 -17.85 -0.25 -32.28
CA ASP C 128 -17.60 1.14 -31.85
C ASP C 128 -16.72 1.89 -32.88
N ARG C 129 -15.62 1.26 -33.34
CA ARG C 129 -14.75 1.91 -34.32
C ARG C 129 -15.53 2.27 -35.61
N LEU C 130 -16.31 1.32 -36.10
CA LEU C 130 -17.08 1.46 -37.36
C LEU C 130 -18.30 2.36 -37.24
N GLY C 131 -18.71 2.69 -36.03
CA GLY C 131 -19.91 3.51 -35.86
C GLY C 131 -21.13 2.67 -36.19
N GLY C 132 -21.00 1.37 -35.95
CA GLY C 132 -22.14 0.44 -36.08
C GLY C 132 -22.58 0.14 -37.49
N LYS C 133 -21.68 0.33 -38.45
CA LYS C 133 -21.95 0.00 -39.84
C LYS C 133 -20.69 -0.27 -40.67
N GLY C 134 -20.80 -1.17 -41.63
CA GLY C 134 -19.68 -1.49 -42.52
C GLY C 134 -19.58 -2.97 -42.72
N ASN C 135 -18.72 -3.38 -43.64
CA ASN C 135 -18.51 -4.77 -43.98
C ASN C 135 -17.25 -5.28 -43.29
N ILE C 136 -17.32 -6.47 -42.70
CA ILE C 136 -16.17 -7.04 -42.02
C ILE C 136 -15.88 -8.46 -42.54
N VAL C 137 -14.67 -8.93 -42.25
CA VAL C 137 -14.32 -10.34 -42.39
C VAL C 137 -13.90 -10.87 -41.04
N ILE C 138 -14.14 -12.15 -40.79
CA ILE C 138 -13.83 -12.76 -39.50
C ILE C 138 -12.85 -13.90 -39.69
N LEU C 139 -11.75 -13.85 -38.96
CA LEU C 139 -10.72 -14.89 -38.97
C LEU C 139 -10.91 -15.73 -37.73
N GLN C 140 -11.12 -17.02 -37.94
CA GLN C 140 -11.48 -17.91 -36.85
C GLN C 140 -10.34 -18.80 -36.39
N GLY C 141 -10.44 -19.26 -35.16
CA GLY C 141 -9.53 -20.25 -34.67
C GLY C 141 -9.76 -21.63 -35.28
N PRO C 142 -8.95 -22.60 -34.90
CA PRO C 142 -9.20 -23.93 -35.41
C PRO C 142 -10.66 -24.37 -35.25
N LEU C 143 -11.25 -24.92 -36.33
CA LEU C 143 -12.67 -25.20 -36.26
C LEU C 143 -13.01 -26.32 -35.28
N GLY C 144 -13.99 -26.03 -34.41
CA GLY C 144 -14.38 -26.97 -33.37
C GLY C 144 -13.63 -26.89 -32.06
N GLN C 145 -12.57 -26.07 -32.03
CA GLN C 145 -11.90 -25.77 -30.75
C GLN C 145 -12.80 -24.88 -29.95
N SER C 146 -12.82 -25.06 -28.63
CA SER C 146 -13.74 -24.27 -27.77
C SER C 146 -13.59 -22.78 -27.98
N GLY C 147 -12.37 -22.28 -28.14
CA GLY C 147 -12.20 -20.84 -28.31
C GLY C 147 -12.77 -20.31 -29.62
N GLU C 148 -12.72 -21.13 -30.66
CA GLU C 148 -13.39 -20.79 -31.91
C GLU C 148 -14.91 -20.80 -31.77
N LEU C 149 -15.43 -21.83 -31.13
CA LEU C 149 -16.87 -21.94 -31.01
C LEU C 149 -17.39 -20.80 -30.15
N ASP C 150 -16.71 -20.59 -29.04
CA ASP C 150 -17.12 -19.61 -28.03
C ASP C 150 -16.92 -18.22 -28.56
N ARG C 151 -15.79 -17.91 -29.20
CA ARG C 151 -15.61 -16.51 -29.63
C ARG C 151 -16.59 -16.19 -30.78
N SER C 152 -16.84 -17.18 -31.63
CA SER C 152 -17.87 -17.06 -32.67
C SER C 152 -19.25 -16.72 -32.09
N LYS C 153 -19.62 -17.43 -31.03
CA LYS C 153 -20.89 -17.19 -30.36
C LYS C 153 -20.98 -15.76 -29.77
N GLY C 154 -19.95 -15.29 -29.09
CA GLY C 154 -19.91 -13.90 -28.58
C GLY C 154 -19.95 -12.87 -29.69
N ILE C 155 -19.20 -13.10 -30.76
CA ILE C 155 -19.21 -12.21 -31.92
C ILE C 155 -20.61 -12.05 -32.47
N GLU C 156 -21.34 -13.15 -32.63
CA GLU C 156 -22.64 -13.16 -33.20
C GLU C 156 -23.64 -12.47 -32.30
N GLN C 157 -23.47 -12.65 -30.98
N GLN C 157 -23.48 -12.62 -30.98
CA GLN C 157 -24.26 -11.95 -29.94
CA GLN C 157 -24.35 -11.95 -30.01
C GLN C 157 -24.28 -10.45 -30.21
C GLN C 157 -24.29 -10.43 -30.19
N VAL C 158 -23.09 -9.89 -30.37
CA VAL C 158 -22.95 -8.45 -30.61
C VAL C 158 -23.43 -8.07 -32.02
N LEU C 159 -23.14 -8.91 -33.02
CA LEU C 159 -23.54 -8.60 -34.40
C LEU C 159 -25.06 -8.46 -34.55
N ALA C 160 -25.80 -9.30 -33.82
CA ALA C 160 -27.26 -9.20 -33.82
C ALA C 160 -27.77 -7.82 -33.34
N LYS C 161 -26.99 -7.12 -32.52
CA LYS C 161 -27.39 -5.78 -32.10
C LYS C 161 -27.00 -4.70 -33.12
N TYR C 162 -26.20 -5.03 -34.12
CA TYR C 162 -25.73 -4.10 -35.15
C TYR C 162 -26.02 -4.65 -36.54
N PRO C 163 -27.29 -4.68 -36.95
CA PRO C 163 -27.65 -5.25 -38.25
C PRO C 163 -27.00 -4.56 -39.46
N ASP C 164 -26.52 -3.32 -39.32
CA ASP C 164 -25.85 -2.64 -40.43
C ASP C 164 -24.38 -3.04 -40.57
N ILE C 165 -23.85 -3.85 -39.66
CA ILE C 165 -22.54 -4.47 -39.88
C ILE C 165 -22.73 -5.80 -40.60
N LYS C 166 -22.03 -5.97 -41.71
CA LYS C 166 -22.30 -7.06 -42.60
C LYS C 166 -21.07 -7.93 -42.64
N VAL C 167 -21.24 -9.22 -42.42
CA VAL C 167 -20.12 -10.16 -42.55
C VAL C 167 -19.96 -10.60 -44.01
N LEU C 168 -18.85 -10.21 -44.65
CA LEU C 168 -18.55 -10.61 -46.04
C LEU C 168 -18.04 -12.06 -46.12
N ALA C 169 -17.22 -12.45 -45.14
CA ALA C 169 -16.62 -13.79 -45.10
C ALA C 169 -16.14 -14.12 -43.73
N LYS C 170 -16.03 -15.42 -43.49
CA LYS C 170 -15.51 -15.93 -42.24
C LYS C 170 -14.90 -17.29 -42.53
N ASP C 171 -13.70 -17.48 -42.02
CA ASP C 171 -12.98 -18.73 -42.22
C ASP C 171 -11.87 -18.86 -41.20
N THR C 172 -11.34 -20.05 -41.08
CA THR C 172 -10.28 -20.32 -40.12
C THR C 172 -8.91 -19.99 -40.67
N ALA C 173 -8.01 -19.52 -39.81
CA ALA C 173 -6.58 -19.52 -40.09
C ALA C 173 -5.83 -20.25 -38.92
N ASN C 174 -6.58 -21.02 -38.13
CA ASN C 174 -6.01 -21.97 -37.14
C ASN C 174 -5.07 -21.33 -36.13
N TRP C 175 -5.38 -20.08 -35.76
CA TRP C 175 -4.59 -19.24 -34.85
C TRP C 175 -3.32 -18.71 -35.42
N LYS C 176 -3.04 -19.04 -36.68
CA LYS C 176 -1.72 -18.76 -37.30
C LYS C 176 -1.64 -17.48 -38.11
N ARG C 177 -0.61 -16.67 -37.82
CA ARG C 177 -0.31 -15.45 -38.60
CA ARG C 177 -0.33 -15.46 -38.59
C ARG C 177 -0.17 -15.71 -40.09
N ASP C 178 0.67 -16.66 -40.48
CA ASP C 178 0.91 -16.98 -41.89
C ASP C 178 -0.28 -17.50 -42.66
N GLU C 179 -1.11 -18.33 -42.01
CA GLU C 179 -2.33 -18.80 -42.69
C GLU C 179 -3.30 -17.64 -42.89
N ALA C 180 -3.31 -16.70 -41.96
CA ALA C 180 -4.12 -15.47 -42.05
C ALA C 180 -3.65 -14.53 -43.16
N VAL C 181 -2.34 -14.46 -43.40
CA VAL C 181 -1.84 -13.71 -44.59
C VAL C 181 -2.53 -14.25 -45.85
N ASN C 182 -2.54 -15.57 -46.04
CA ASN C 182 -3.10 -16.13 -47.26
C ASN C 182 -4.62 -16.00 -47.37
N LYS C 183 -5.33 -16.15 -46.24
CA LYS C 183 -6.78 -16.00 -46.24
C LYS C 183 -7.18 -14.56 -46.54
N MET C 184 -6.52 -13.61 -45.89
CA MET C 184 -6.77 -12.21 -46.18
C MET C 184 -6.41 -11.80 -47.63
N LYS C 185 -5.30 -12.29 -48.17
CA LYS C 185 -4.94 -12.01 -49.57
C LYS C 185 -6.05 -12.50 -50.51
N ASN C 186 -6.64 -13.68 -50.25
CA ASN C 186 -7.74 -14.20 -51.12
C ASN C 186 -8.97 -13.27 -50.98
N TRP C 187 -9.25 -12.83 -49.76
CA TRP C 187 -10.38 -11.94 -49.52
C TRP C 187 -10.18 -10.56 -50.14
N ILE C 188 -8.95 -10.06 -50.14
CA ILE C 188 -8.65 -8.80 -50.82
C ILE C 188 -8.88 -8.95 -52.33
N SER C 189 -8.49 -10.08 -52.87
CA SER C 189 -8.70 -10.38 -54.28
C SER C 189 -10.20 -10.41 -54.63
N GLY C 190 -11.02 -10.98 -53.75
CA GLY C 190 -12.45 -11.12 -54.00
C GLY C 190 -13.27 -9.87 -53.72
N PHE C 191 -12.98 -9.21 -52.60
CA PHE C 191 -13.80 -8.11 -52.07
C PHE C 191 -13.15 -6.73 -52.13
N GLY C 192 -11.81 -6.71 -52.20
CA GLY C 192 -11.07 -5.47 -52.39
C GLY C 192 -11.56 -4.35 -51.49
N PRO C 193 -11.97 -3.21 -52.08
CA PRO C 193 -12.29 -2.01 -51.32
C PRO C 193 -13.48 -2.10 -50.36
N GLN C 194 -14.31 -3.15 -50.49
CA GLN C 194 -15.49 -3.33 -49.60
C GLN C 194 -15.17 -3.65 -48.16
N ILE C 195 -14.00 -4.23 -47.91
CA ILE C 195 -13.65 -4.60 -46.54
C ILE C 195 -13.42 -3.36 -45.68
N ASP C 196 -14.27 -3.17 -44.68
CA ASP C 196 -14.19 -2.03 -43.77
C ASP C 196 -13.47 -2.35 -42.48
N GLY C 197 -13.32 -3.64 -42.17
CA GLY C 197 -12.66 -4.03 -40.93
C GLY C 197 -12.40 -5.51 -40.84
N VAL C 198 -11.46 -5.85 -39.98
CA VAL C 198 -11.07 -7.25 -39.82
C VAL C 198 -11.22 -7.61 -38.34
N VAL C 199 -12.11 -8.57 -38.05
CA VAL C 199 -12.26 -9.07 -36.68
C VAL C 199 -11.50 -10.41 -36.61
N ALA C 200 -10.37 -10.44 -35.91
CA ALA C 200 -9.58 -11.67 -35.86
C ALA C 200 -9.74 -12.27 -34.49
N GLN C 201 -9.97 -13.58 -34.42
CA GLN C 201 -10.21 -14.21 -33.13
C GLN C 201 -8.94 -14.34 -32.31
N ASN C 202 -7.77 -14.10 -32.89
CA ASN C 202 -6.59 -13.85 -32.07
C ASN C 202 -5.70 -12.79 -32.71
N ASP C 203 -4.74 -12.30 -31.95
CA ASP C 203 -3.78 -11.35 -32.45
C ASP C 203 -2.95 -11.83 -33.64
N ASP C 204 -2.40 -13.04 -33.55
CA ASP C 204 -1.58 -13.58 -34.64
C ASP C 204 -2.35 -13.43 -35.97
N MET C 205 -3.63 -13.82 -36.00
CA MET C 205 -4.38 -13.82 -37.29
C MET C 205 -4.60 -12.36 -37.77
N GLY C 206 -4.86 -11.46 -36.83
CA GLY C 206 -4.95 -10.03 -37.16
C GLY C 206 -3.64 -9.49 -37.73
N LEU C 207 -2.52 -9.89 -37.14
CA LEU C 207 -1.22 -9.47 -37.67
C LEU C 207 -0.99 -9.91 -39.11
N GLY C 208 -1.42 -11.13 -39.44
CA GLY C 208 -1.29 -11.62 -40.82
C GLY C 208 -2.16 -10.82 -41.78
N ALA C 209 -3.39 -10.56 -41.34
CA ALA C 209 -4.33 -9.72 -42.08
C ALA C 209 -3.65 -8.38 -42.39
N LEU C 210 -3.04 -7.78 -41.37
CA LEU C 210 -2.24 -6.57 -41.52
C LEU C 210 -1.15 -6.67 -42.63
N GLN C 211 -0.34 -7.73 -42.60
CA GLN C 211 0.70 -7.90 -43.63
C GLN C 211 0.08 -8.03 -45.02
N ALA C 212 -1.00 -8.79 -45.15
CA ALA C 212 -1.64 -8.97 -46.47
C ALA C 212 -2.15 -7.63 -47.03
N LEU C 213 -2.76 -6.82 -46.16
CA LEU C 213 -3.26 -5.50 -46.56
C LEU C 213 -2.12 -4.62 -47.06
N LYS C 214 -1.05 -4.61 -46.27
CA LYS C 214 0.20 -3.97 -46.64
C LYS C 214 0.66 -4.34 -48.04
N GLU C 215 0.77 -5.64 -48.30
CA GLU C 215 1.24 -6.15 -49.60
C GLU C 215 0.32 -5.70 -50.76
N SER C 216 -0.97 -5.51 -50.47
CA SER C 216 -1.94 -5.02 -51.48
CA SER C 216 -1.91 -5.03 -51.50
C SER C 216 -1.89 -3.50 -51.62
N GLY C 217 -1.09 -2.86 -50.78
CA GLY C 217 -0.92 -1.41 -50.84
C GLY C 217 -2.05 -0.67 -50.17
N ARG C 218 -2.65 -1.26 -49.15
CA ARG C 218 -3.71 -0.58 -48.40
C ARG C 218 -3.31 -0.50 -46.92
N THR C 219 -3.68 0.61 -46.29
CA THR C 219 -3.39 0.83 -44.88
C THR C 219 -4.55 1.57 -44.17
N GLY C 220 -4.52 1.58 -42.84
CA GLY C 220 -5.57 2.25 -42.06
C GLY C 220 -6.83 1.43 -41.85
N VAL C 221 -6.85 0.18 -42.32
CA VAL C 221 -8.03 -0.66 -42.18
C VAL C 221 -8.12 -1.12 -40.73
N PRO C 222 -9.24 -0.86 -40.06
CA PRO C 222 -9.32 -1.27 -38.65
C PRO C 222 -9.26 -2.78 -38.41
N ILE C 223 -8.44 -3.20 -37.43
CA ILE C 223 -8.26 -4.62 -37.10
C ILE C 223 -8.34 -4.77 -35.59
N VAL C 224 -9.06 -5.80 -35.12
CA VAL C 224 -9.13 -6.10 -33.69
C VAL C 224 -8.70 -7.55 -33.48
N GLY C 225 -8.06 -7.80 -32.35
CA GLY C 225 -7.55 -9.13 -32.02
C GLY C 225 -7.92 -9.52 -30.59
N ILE C 226 -7.44 -10.69 -30.18
CA ILE C 226 -7.55 -11.20 -28.81
C ILE C 226 -6.23 -11.87 -28.46
N ASP C 227 -5.71 -11.55 -27.27
CA ASP C 227 -4.57 -12.24 -26.54
C ASP C 227 -3.59 -11.23 -25.91
N GLY C 228 -3.30 -10.14 -26.59
CA GLY C 228 -2.27 -9.25 -26.09
C GLY C 228 -0.94 -9.95 -26.06
N ILE C 229 -0.64 -10.75 -27.09
CA ILE C 229 0.75 -11.21 -27.23
C ILE C 229 1.60 -9.97 -27.59
N GLU C 230 2.89 -10.02 -27.28
CA GLU C 230 3.80 -8.90 -27.56
C GLU C 230 3.44 -8.11 -28.81
N ASP C 231 3.30 -8.81 -29.93
CA ASP C 231 3.17 -8.10 -31.24
C ASP C 231 1.80 -7.47 -31.37
N GLY C 232 0.81 -8.09 -30.75
CA GLY C 232 -0.54 -7.57 -30.64
C GLY C 232 -0.54 -6.28 -29.87
N LEU C 233 0.10 -6.28 -28.70
CA LEU C 233 0.22 -5.08 -27.87
C LEU C 233 0.92 -3.94 -28.64
N ASN C 234 2.01 -4.28 -29.31
CA ASN C 234 2.70 -3.29 -30.18
C ASN C 234 1.77 -2.69 -31.25
N ALA C 235 0.89 -3.52 -31.82
CA ALA C 235 -0.06 -3.03 -32.82
C ALA C 235 -1.14 -2.18 -32.19
N VAL C 236 -1.54 -2.49 -30.95
CA VAL C 236 -2.44 -1.58 -30.24
C VAL C 236 -1.74 -0.24 -30.03
N LYS C 237 -0.49 -0.26 -29.57
CA LYS C 237 0.24 1.01 -29.35
C LYS C 237 0.43 1.84 -30.62
N SER C 238 0.79 1.19 -31.71
CA SER C 238 1.02 1.88 -32.97
C SER C 238 -0.28 2.25 -33.73
N GLY C 239 -1.40 1.67 -33.34
CA GLY C 239 -2.69 1.95 -33.97
C GLY C 239 -2.99 1.03 -35.14
N ASP C 240 -2.10 0.07 -35.39
CA ASP C 240 -2.32 -0.94 -36.41
C ASP C 240 -3.52 -1.83 -36.05
N PHE C 241 -3.74 -2.04 -34.74
CA PHE C 241 -4.97 -2.60 -34.18
C PHE C 241 -5.72 -1.52 -33.41
N ILE C 242 -7.04 -1.66 -33.35
CA ILE C 242 -7.88 -0.75 -32.59
C ILE C 242 -7.90 -1.10 -31.11
N GLY C 243 -7.49 -2.32 -30.80
CA GLY C 243 -7.46 -2.82 -29.43
C GLY C 243 -7.36 -4.34 -29.43
N THR C 244 -7.15 -4.92 -28.25
CA THR C 244 -7.16 -6.35 -28.08
C THR C 244 -7.76 -6.67 -26.73
N SER C 245 -7.71 -7.95 -26.35
CA SER C 245 -8.12 -8.43 -25.02
C SER C 245 -6.97 -9.26 -24.42
N LEU C 246 -6.56 -8.97 -23.19
CA LEU C 246 -5.40 -9.57 -22.64
C LEU C 246 -5.71 -11.00 -22.18
N GLN C 247 -4.97 -11.93 -22.76
CA GLN C 247 -4.95 -13.31 -22.26
C GLN C 247 -3.50 -13.60 -21.98
N ASN C 248 -3.07 -13.26 -20.77
CA ASN C 248 -1.67 -13.45 -20.43
C ASN C 248 -1.47 -14.93 -20.12
N GLY C 249 -0.88 -15.68 -21.05
CA GLY C 249 -0.70 -17.13 -20.90
C GLY C 249 0.14 -17.48 -19.67
N THR C 250 1.07 -16.60 -19.29
CA THR C 250 1.94 -16.90 -18.15
C THR C 250 1.06 -17.04 -16.91
N VAL C 251 0.03 -16.20 -16.81
CA VAL C 251 -0.87 -16.20 -15.67
C VAL C 251 -1.90 -17.34 -15.81
N GLU C 252 -2.55 -17.43 -16.96
CA GLU C 252 -3.64 -18.36 -17.10
C GLU C 252 -3.12 -19.78 -17.03
N LEU C 253 -2.02 -20.07 -17.70
CA LEU C 253 -1.53 -21.45 -17.70
C LEU C 253 -0.90 -21.83 -16.36
N ALA C 254 -0.23 -20.90 -15.70
CA ALA C 254 0.30 -21.17 -14.38
C ALA C 254 -0.89 -21.42 -13.40
N ALA C 255 -1.99 -20.71 -13.62
CA ALA C 255 -3.17 -20.93 -12.75
C ALA C 255 -3.68 -22.36 -12.98
N GLY C 256 -3.68 -22.79 -14.24
CA GLY C 256 -4.17 -24.13 -14.54
C GLY C 256 -3.24 -25.17 -13.93
N LEU C 257 -1.93 -24.92 -14.00
CA LEU C 257 -0.97 -25.83 -13.38
C LEU C 257 -1.18 -25.90 -11.85
N ALA C 258 -1.45 -24.74 -11.24
CA ALA C 258 -1.57 -24.71 -9.79
C ALA C 258 -2.80 -25.51 -9.38
N VAL C 259 -3.87 -25.40 -10.17
CA VAL C 259 -5.06 -26.20 -9.89
C VAL C 259 -4.79 -27.69 -10.03
N ALA C 260 -4.08 -28.06 -11.10
CA ALA C 260 -3.84 -29.46 -11.37
C ALA C 260 -2.91 -30.03 -10.28
N ASN C 261 -1.94 -29.23 -9.85
CA ASN C 261 -1.05 -29.63 -8.76
C ASN C 261 -1.80 -29.91 -7.43
N ARG C 262 -2.66 -28.97 -7.03
CA ARG C 262 -3.44 -29.14 -5.82
C ARG C 262 -4.39 -30.35 -5.92
N LEU C 263 -5.00 -30.56 -7.08
CA LEU C 263 -5.80 -31.78 -7.28
C LEU C 263 -4.97 -33.08 -7.22
N ALA C 264 -3.79 -33.08 -7.84
CA ALA C 264 -2.90 -34.25 -7.78
C ALA C 264 -2.59 -34.64 -6.35
N LYS C 265 -2.45 -33.63 -5.51
CA LYS C 265 -2.10 -33.85 -4.10
C LYS C 265 -3.29 -33.95 -3.11
N GLY C 266 -4.53 -33.87 -3.58
CA GLY C 266 -5.71 -33.96 -2.66
C GLY C 266 -5.94 -32.75 -1.79
N GLU C 267 -5.42 -31.61 -2.21
CA GLU C 267 -5.42 -30.39 -1.46
C GLU C 267 -6.58 -29.55 -1.93
N PRO C 268 -7.26 -28.86 -1.00
CA PRO C 268 -8.45 -28.16 -1.39
C PRO C 268 -8.11 -27.07 -2.40
N VAL C 269 -8.93 -26.96 -3.42
CA VAL C 269 -8.74 -25.91 -4.39
C VAL C 269 -10.03 -25.67 -5.16
N ASN C 270 -10.23 -24.42 -5.61
CA ASN C 270 -11.28 -24.10 -6.59
C ASN C 270 -10.91 -24.81 -7.90
N LYS C 271 -11.70 -25.80 -8.29
CA LYS C 271 -11.30 -26.63 -9.45
C LYS C 271 -11.68 -25.98 -10.79
N GLU C 272 -12.49 -24.94 -10.77
CA GLU C 272 -12.98 -24.33 -12.02
C GLU C 272 -13.03 -22.78 -11.99
N PRO C 273 -11.89 -22.14 -11.69
CA PRO C 273 -11.85 -20.67 -11.83
C PRO C 273 -11.88 -20.21 -13.29
N VAL C 274 -12.33 -18.98 -13.51
CA VAL C 274 -12.49 -18.43 -14.85
C VAL C 274 -11.62 -17.17 -15.06
N TYR C 275 -10.86 -17.16 -16.16
CA TYR C 275 -10.04 -16.06 -16.57
C TYR C 275 -10.82 -15.06 -17.41
N ILE C 276 -10.97 -13.84 -16.93
CA ILE C 276 -11.74 -12.79 -17.61
C ILE C 276 -10.73 -11.89 -18.31
N MET C 277 -10.78 -11.84 -19.64
CA MET C 277 -9.79 -11.04 -20.37
C MET C 277 -10.09 -9.54 -20.26
N PRO C 278 -9.19 -8.75 -19.65
CA PRO C 278 -9.43 -7.29 -19.65
C PRO C 278 -9.23 -6.66 -21.02
N ALA C 279 -10.06 -5.67 -21.34
CA ALA C 279 -9.89 -4.83 -22.54
C ALA C 279 -8.55 -4.11 -22.56
N ILE C 280 -7.83 -4.22 -23.67
CA ILE C 280 -6.60 -3.46 -23.88
C ILE C 280 -6.70 -2.44 -25.02
N THR C 281 -6.44 -1.18 -24.69
CA THR C 281 -6.48 -0.07 -25.63
C THR C 281 -5.21 0.77 -25.47
N LYS C 282 -5.06 1.78 -26.32
CA LYS C 282 -4.00 2.79 -26.15
C LYS C 282 -3.86 3.29 -24.70
N ASP C 283 -4.98 3.37 -23.98
CA ASP C 283 -4.99 3.89 -22.59
C ASP C 283 -4.28 3.01 -21.55
N ASN C 284 -4.20 1.69 -21.76
CA ASN C 284 -3.48 0.81 -20.82
C ASN C 284 -2.46 -0.15 -21.43
N VAL C 285 -2.22 -0.07 -22.73
CA VAL C 285 -1.29 -0.99 -23.36
C VAL C 285 0.12 -0.92 -22.75
N ASP C 286 0.54 0.23 -22.25
CA ASP C 286 1.88 0.29 -21.67
C ASP C 286 2.08 -0.62 -20.44
N VAL C 287 1.06 -0.75 -19.61
CA VAL C 287 1.11 -1.60 -18.44
C VAL C 287 1.16 -3.08 -18.88
N ALA C 288 0.29 -3.43 -19.81
CA ALA C 288 0.30 -4.77 -20.39
C ALA C 288 1.67 -5.02 -21.01
N ILE C 289 2.23 -4.02 -21.68
CA ILE C 289 3.56 -4.18 -22.31
C ILE C 289 4.64 -4.43 -21.23
N GLU C 290 4.61 -3.69 -20.12
CA GLU C 290 5.52 -3.99 -19.02
CA GLU C 290 5.41 -3.97 -18.91
C GLU C 290 5.44 -5.47 -18.57
N HIS C 291 4.26 -6.00 -18.32
CA HIS C 291 4.12 -7.36 -17.79
C HIS C 291 4.49 -8.47 -18.73
N VAL C 292 4.12 -8.29 -19.99
CA VAL C 292 4.27 -9.31 -21.00
C VAL C 292 5.64 -9.22 -21.67
N VAL C 293 6.17 -8.00 -21.81
CA VAL C 293 7.35 -7.79 -22.65
C VAL C 293 8.57 -7.29 -21.89
N THR C 294 8.47 -6.06 -21.42
CA THR C 294 9.67 -5.31 -21.04
C THR C 294 10.10 -5.48 -19.57
N GLU C 295 9.17 -5.77 -18.69
CA GLU C 295 9.49 -6.13 -17.32
C GLU C 295 8.99 -7.55 -17.07
N ARG C 296 9.18 -8.41 -18.07
CA ARG C 296 8.62 -9.77 -18.04
C ARG C 296 9.32 -10.66 -17.02
N GLN C 297 10.62 -10.49 -16.85
CA GLN C 297 11.33 -11.29 -15.86
C GLN C 297 10.85 -10.93 -14.44
N GLN C 298 10.71 -9.63 -14.17
CA GLN C 298 10.18 -9.19 -12.88
C GLN C 298 8.78 -9.76 -12.64
N PHE C 299 7.95 -9.77 -13.69
CA PHE C 299 6.65 -10.34 -13.60
C PHE C 299 6.71 -11.84 -13.31
N LEU C 300 7.57 -12.56 -14.01
CA LEU C 300 7.69 -14.02 -13.78
C LEU C 300 8.19 -14.33 -12.37
N ASP C 301 9.07 -13.50 -11.85
CA ASP C 301 9.67 -13.72 -10.52
C ASP C 301 8.62 -13.49 -9.40
N GLY C 302 7.59 -12.74 -9.71
CA GLY C 302 6.47 -12.58 -8.79
C GLY C 302 5.29 -13.49 -9.06
N LEU C 303 5.38 -14.33 -10.09
CA LEU C 303 4.20 -15.04 -10.60
C LEU C 303 3.66 -16.06 -9.63
N THR C 304 4.52 -16.80 -8.99
CA THR C 304 4.05 -17.84 -8.08
C THR C 304 3.19 -17.26 -6.96
N GLU C 305 3.62 -16.14 -6.43
CA GLU C 305 2.86 -15.44 -5.37
C GLU C 305 1.52 -14.96 -5.89
N LEU C 306 1.53 -14.35 -7.06
CA LEU C 306 0.27 -13.91 -7.67
C LEU C 306 -0.74 -15.03 -7.88
N ILE C 307 -0.27 -16.13 -8.44
CA ILE C 307 -1.12 -17.27 -8.73
C ILE C 307 -1.75 -17.80 -7.44
N ASN C 308 -0.97 -17.96 -6.39
CA ASN C 308 -1.45 -18.56 -5.19
C ASN C 308 -2.51 -17.68 -4.54
N LYS C 309 -2.35 -16.36 -4.68
CA LYS C 309 -3.40 -15.47 -4.20
C LYS C 309 -4.66 -15.57 -5.09
N ASN C 310 -4.47 -15.44 -6.40
CA ASN C 310 -5.60 -15.46 -7.34
C ASN C 310 -6.44 -16.73 -7.25
N LEU C 311 -5.80 -17.82 -6.87
CA LEU C 311 -6.54 -19.07 -6.66
C LEU C 311 -7.56 -18.95 -5.55
N GLU C 312 -7.23 -18.21 -4.48
CA GLU C 312 -8.18 -17.98 -3.36
C GLU C 312 -9.27 -16.97 -3.67
N THR C 313 -8.99 -15.99 -4.53
CA THR C 313 -10.04 -15.02 -4.89
C THR C 313 -10.91 -15.58 -5.99
N GLY C 314 -10.34 -16.40 -6.85
CA GLY C 314 -11.03 -16.88 -8.05
C GLY C 314 -10.74 -16.00 -9.25
N ASP C 315 -10.26 -14.79 -8.98
CA ASP C 315 -9.97 -13.83 -10.05
C ASP C 315 -8.61 -14.15 -10.73
N ILE C 316 -8.56 -15.25 -11.48
CA ILE C 316 -7.29 -15.77 -11.99
C ILE C 316 -6.67 -14.93 -13.12
N ALA C 317 -7.42 -13.98 -13.68
CA ALA C 317 -6.83 -13.00 -14.61
C ALA C 317 -6.15 -11.81 -13.94
N TYR C 318 -6.42 -11.61 -12.66
CA TYR C 318 -5.91 -10.44 -11.98
C TYR C 318 -4.40 -10.34 -12.07
N GLU C 319 -3.91 -9.27 -12.66
CA GLU C 319 -2.51 -8.92 -12.60
C GLU C 319 -2.30 -7.40 -12.44
N GLY C 320 -3.33 -6.69 -12.01
CA GLY C 320 -3.28 -5.26 -11.79
C GLY C 320 -3.29 -4.45 -13.07
N ILE C 321 -4.01 -4.91 -14.09
CA ILE C 321 -4.23 -4.09 -15.28
C ILE C 321 -5.29 -3.08 -14.87
N PRO C 322 -5.03 -1.78 -15.11
CA PRO C 322 -5.84 -0.68 -14.60
C PRO C 322 -7.27 -1.06 -14.23
N GLY C 323 -8.05 -1.55 -15.19
CA GLY C 323 -9.45 -1.91 -14.98
C GLY C 323 -9.90 -3.03 -14.04
N GLN C 324 -9.00 -3.87 -13.51
CA GLN C 324 -9.45 -5.13 -12.89
C GLN C 324 -10.12 -4.99 -11.49
N THR D 12 4.35 3.38 -8.57
CA THR D 12 4.44 3.04 -7.10
C THR D 12 5.84 3.30 -6.57
N THR D 13 5.91 4.01 -5.45
CA THR D 13 7.18 4.35 -4.84
C THR D 13 7.43 3.30 -3.78
N ARG D 14 8.53 2.55 -3.97
CA ARG D 14 8.92 1.49 -3.05
C ARG D 14 9.91 2.06 -2.04
N ILE D 15 9.52 2.08 -0.77
CA ILE D 15 10.36 2.60 0.27
C ILE D 15 10.66 1.51 1.31
N GLY D 16 11.94 1.10 1.39
CA GLY D 16 12.42 0.19 2.44
C GLY D 16 12.39 0.87 3.80
N VAL D 17 12.02 0.10 4.82
CA VAL D 17 12.08 0.56 6.21
C VAL D 17 12.66 -0.61 7.03
N THR D 18 13.87 -0.44 7.58
CA THR D 18 14.46 -1.43 8.45
C THR D 18 14.62 -0.83 9.85
N VAL D 19 13.86 -1.41 10.78
CA VAL D 19 13.80 -0.95 12.15
C VAL D 19 14.72 -1.77 13.07
N TYR D 20 15.23 -1.14 14.12
CA TYR D 20 16.12 -1.86 15.05
C TYR D 20 15.40 -3.04 15.73
N ASP D 21 14.10 -2.87 16.04
CA ASP D 21 13.32 -3.89 16.71
C ASP D 21 11.86 -3.45 16.69
N MET D 22 10.96 -4.41 16.89
CA MET D 22 9.55 -4.11 16.99
C MET D 22 9.19 -3.70 18.42
N SER D 23 9.74 -2.58 18.84
CA SER D 23 9.40 -1.98 20.12
C SER D 23 7.95 -1.49 20.06
N SER D 24 7.40 -1.23 21.23
CA SER D 24 6.03 -0.72 21.32
C SER D 24 5.84 0.56 20.47
N PHE D 25 6.83 1.45 20.55
CA PHE D 25 6.78 2.71 19.82
C PHE D 25 6.73 2.45 18.31
N ILE D 26 7.60 1.55 17.84
CA ILE D 26 7.73 1.29 16.41
C ILE D 26 6.48 0.58 15.91
N THR D 27 5.99 -0.39 16.68
CA THR D 27 4.85 -1.17 16.25
C THR D 27 3.61 -0.31 16.05
N ALA D 28 3.32 0.54 17.03
CA ALA D 28 2.17 1.45 16.91
C ALA D 28 2.41 2.45 15.76
N GLY D 29 3.62 2.94 15.66
CA GLY D 29 3.96 3.95 14.63
C GLY D 29 3.83 3.48 13.18
N LYS D 30 4.04 2.18 12.96
CA LYS D 30 3.85 1.62 11.62
C LYS D 30 2.50 1.92 11.04
N GLU D 31 1.46 1.95 11.90
CA GLU D 31 0.12 2.18 11.39
C GLU D 31 -0.01 3.59 10.76
N GLY D 32 0.75 4.55 11.27
CA GLY D 32 0.83 5.88 10.61
C GLY D 32 1.50 5.82 9.23
N MET D 33 2.60 5.12 9.14
CA MET D 33 3.27 4.94 7.83
C MET D 33 2.27 4.26 6.87
N ASP D 34 1.57 3.22 7.36
CA ASP D 34 0.60 2.55 6.50
C ASP D 34 -0.47 3.51 5.94
N ALA D 35 -1.04 4.34 6.81
CA ALA D 35 -2.07 5.30 6.40
C ALA D 35 -1.52 6.29 5.34
N TYR D 36 -0.38 6.87 5.63
CA TYR D 36 0.26 7.80 4.69
C TYR D 36 0.58 7.10 3.35
N ALA D 37 1.16 5.92 3.42
CA ALA D 37 1.49 5.11 2.20
C ALA D 37 0.29 4.84 1.35
N LYS D 38 -0.84 4.50 1.98
CA LYS D 38 -2.07 4.21 1.21
C LYS D 38 -2.55 5.45 0.43
N ASP D 39 -2.41 6.63 1.03
CA ASP D 39 -2.87 7.83 0.41
C ASP D 39 -1.90 8.35 -0.64
N ASN D 40 -0.73 7.73 -0.71
CA ASN D 40 0.28 8.22 -1.66
C ASN D 40 0.93 7.19 -2.57
N ASN D 41 0.27 6.05 -2.76
CA ASN D 41 0.82 5.00 -3.62
C ASN D 41 2.29 4.66 -3.29
N ILE D 42 2.52 4.48 -2.01
CA ILE D 42 3.82 3.97 -1.50
C ILE D 42 3.70 2.52 -1.06
N GLU D 43 4.67 1.69 -1.50
CA GLU D 43 4.77 0.32 -1.04
C GLU D 43 5.88 0.28 -0.02
N LEU D 44 5.56 -0.13 1.20
CA LEU D 44 6.57 -0.22 2.22
C LEU D 44 7.20 -1.57 2.15
N ILE D 45 8.52 -1.60 2.27
CA ILE D 45 9.22 -2.86 2.40
C ILE D 45 9.80 -2.92 3.79
N TRP D 46 9.04 -3.56 4.70
CA TRP D 46 9.33 -3.53 6.10
C TRP D 46 10.24 -4.66 6.53
N ASN D 47 11.24 -4.35 7.36
CA ASN D 47 12.05 -5.41 7.97
C ASN D 47 12.45 -4.98 9.39
N SER D 48 12.79 -5.96 10.23
CA SER D 48 13.22 -5.68 11.59
C SER D 48 14.52 -6.44 11.88
N ALA D 49 15.47 -5.76 12.53
CA ALA D 49 16.86 -6.24 12.64
C ALA D 49 17.30 -6.89 13.93
N ASN D 50 16.39 -7.17 14.85
CA ASN D 50 16.74 -7.97 16.00
C ASN D 50 17.91 -7.36 16.82
N LEU D 51 17.89 -6.03 16.95
CA LEU D 51 18.92 -5.32 17.72
C LEU D 51 20.33 -5.72 17.30
N ASP D 52 20.53 -6.04 16.02
CA ASP D 52 21.81 -6.53 15.55
C ASP D 52 22.31 -5.70 14.37
N VAL D 53 23.48 -5.07 14.56
CA VAL D 53 23.99 -4.13 13.56
C VAL D 53 24.33 -4.89 12.26
N SER D 54 25.00 -6.03 12.34
CA SER D 54 25.29 -6.75 11.08
C SER D 54 24.00 -7.15 10.30
N THR D 55 22.98 -7.57 11.03
CA THR D 55 21.70 -7.89 10.42
C THR D 55 21.13 -6.69 9.71
N GLN D 56 21.12 -5.54 10.37
CA GLN D 56 20.56 -4.33 9.80
C GLN D 56 21.33 -3.91 8.54
N ALA D 57 22.64 -3.95 8.64
CA ALA D 57 23.48 -3.65 7.44
C ALA D 57 23.11 -4.51 6.25
N SER D 58 22.94 -5.80 6.49
CA SER D 58 22.50 -6.70 5.41
C SER D 58 21.12 -6.37 4.89
N GLN D 59 20.20 -5.94 5.75
CA GLN D 59 18.92 -5.58 5.31
C GLN D 59 18.96 -4.35 4.40
N VAL D 60 19.82 -3.40 4.73
CA VAL D 60 19.94 -2.22 3.89
C VAL D 60 20.52 -2.64 2.57
N ASP D 61 21.54 -3.51 2.58
CA ASP D 61 22.16 -3.97 1.34
C ASP D 61 21.14 -4.73 0.43
N SER D 62 20.23 -5.47 1.06
CA SER D 62 19.19 -6.18 0.31
CA SER D 62 19.22 -6.18 0.30
C SER D 62 18.21 -5.21 -0.31
N MET D 63 17.86 -4.16 0.41
CA MET D 63 16.95 -3.15 -0.11
C MET D 63 17.58 -2.39 -1.29
N ILE D 64 18.87 -2.10 -1.18
CA ILE D 64 19.58 -1.51 -2.32
C ILE D 64 19.58 -2.46 -3.52
N ASN D 65 19.86 -3.72 -3.27
CA ASN D 65 19.91 -4.69 -4.37
C ASN D 65 18.54 -4.90 -5.02
N GLN D 66 17.46 -4.73 -4.24
CA GLN D 66 16.07 -4.83 -4.74
C GLN D 66 15.67 -3.59 -5.58
N GLY D 67 16.54 -2.59 -5.63
CA GLY D 67 16.29 -1.30 -6.31
C GLY D 67 15.10 -0.51 -5.81
N VAL D 68 14.91 -0.48 -4.49
CA VAL D 68 13.88 0.41 -3.94
C VAL D 68 14.17 1.86 -4.28
N ASP D 69 13.13 2.69 -4.10
CA ASP D 69 13.21 4.09 -4.46
C ASP D 69 13.81 4.95 -3.33
N ALA D 70 13.65 4.50 -2.08
CA ALA D 70 14.24 5.15 -0.94
C ALA D 70 14.29 4.19 0.22
N ILE D 71 15.15 4.47 1.19
CA ILE D 71 15.36 3.58 2.35
C ILE D 71 15.31 4.43 3.63
N ILE D 72 14.47 3.98 4.56
CA ILE D 72 14.42 4.55 5.88
C ILE D 72 15.11 3.55 6.78
N VAL D 73 16.01 4.02 7.62
CA VAL D 73 16.66 3.15 8.58
C VAL D 73 16.33 3.70 9.96
N VAL D 74 16.01 2.82 10.90
CA VAL D 74 15.89 3.21 12.36
C VAL D 74 17.05 2.49 13.05
N PRO D 75 18.21 3.15 13.15
CA PRO D 75 19.44 2.36 13.37
C PRO D 75 19.64 1.81 14.77
N VAL D 76 20.07 0.55 14.81
CA VAL D 76 20.45 -0.14 16.04
C VAL D 76 21.47 0.68 16.82
N GLN D 77 22.50 1.14 16.11
CA GLN D 77 23.64 1.83 16.73
C GLN D 77 23.92 3.08 15.94
N ALA D 78 24.22 4.16 16.63
CA ALA D 78 24.58 5.42 15.97
C ALA D 78 25.82 5.32 15.08
N ASP D 79 26.87 4.74 15.64
CA ASP D 79 28.11 4.54 14.89
C ASP D 79 28.04 3.25 14.08
N SER D 80 27.29 3.28 12.98
CA SER D 80 27.14 2.09 12.11
C SER D 80 26.68 2.43 10.70
N LEU D 81 26.77 1.44 9.81
CA LEU D 81 26.12 1.51 8.48
C LEU D 81 26.76 2.51 7.51
N ALA D 82 27.91 3.04 7.88
CA ALA D 82 28.61 3.95 6.95
C ALA D 82 28.74 3.37 5.52
N PRO D 83 29.20 2.12 5.36
CA PRO D 83 29.33 1.57 3.99
C PRO D 83 28.01 1.48 3.24
N GLN D 84 26.92 1.22 3.99
CA GLN D 84 25.60 1.11 3.40
C GLN D 84 25.05 2.49 3.00
N VAL D 85 25.28 3.49 3.84
CA VAL D 85 24.90 4.86 3.51
C VAL D 85 25.60 5.31 2.21
N ALA D 86 26.90 5.07 2.13
CA ALA D 86 27.67 5.39 0.90
C ALA D 86 27.13 4.64 -0.32
N SER D 87 26.78 3.38 -0.15
CA SER D 87 26.32 2.56 -1.30
C SER D 87 24.93 3.04 -1.79
N ALA D 88 24.07 3.40 -0.84
CA ALA D 88 22.77 4.02 -1.16
C ALA D 88 22.97 5.31 -1.95
N LYS D 89 23.83 6.19 -1.45
CA LYS D 89 24.09 7.45 -2.14
C LYS D 89 24.60 7.19 -3.55
N ALA D 90 25.52 6.25 -3.70
CA ALA D 90 26.08 5.99 -5.05
C ALA D 90 25.00 5.53 -6.03
N LYS D 91 24.00 4.81 -5.53
CA LYS D 91 22.97 4.24 -6.37
C LYS D 91 21.79 5.19 -6.56
N GLY D 92 21.90 6.41 -6.04
CA GLY D 92 20.85 7.40 -6.19
C GLY D 92 19.62 7.04 -5.41
N ILE D 93 19.82 6.30 -4.33
CA ILE D 93 18.71 5.90 -3.44
C ILE D 93 18.74 6.74 -2.14
N PRO D 94 17.76 7.65 -1.96
CA PRO D 94 17.76 8.39 -0.73
C PRO D 94 17.74 7.47 0.47
N LEU D 95 18.69 7.64 1.38
CA LEU D 95 18.69 6.91 2.62
C LEU D 95 18.47 7.90 3.77
N VAL D 96 17.43 7.65 4.56
CA VAL D 96 16.95 8.63 5.55
C VAL D 96 16.81 7.97 6.91
N PRO D 97 17.73 8.26 7.86
CA PRO D 97 17.49 7.82 9.23
C PRO D 97 16.25 8.53 9.76
N VAL D 98 15.43 7.76 10.47
CA VAL D 98 14.22 8.26 11.11
C VAL D 98 14.20 7.69 12.50
N ASN D 99 13.83 8.54 13.48
CA ASN D 99 13.61 8.17 14.88
C ASN D 99 14.88 7.94 15.67
N ALA D 100 15.84 7.22 15.11
CA ALA D 100 17.16 7.17 15.68
C ALA D 100 18.14 7.57 14.58
N ALA D 101 19.27 8.06 15.03
CA ALA D 101 20.27 8.65 14.11
C ALA D 101 21.53 7.84 13.89
N LEU D 102 22.25 8.21 12.81
CA LEU D 102 23.55 7.71 12.46
C LEU D 102 24.58 8.79 12.58
N ASP D 103 25.83 8.39 12.79
CA ASP D 103 26.97 9.34 12.70
C ASP D 103 27.25 9.87 11.27
N SER D 104 26.97 9.05 10.26
CA SER D 104 27.36 9.35 8.88
C SER D 104 26.68 10.58 8.29
N LYS D 105 27.45 11.36 7.52
CA LYS D 105 26.96 12.57 6.83
C LYS D 105 26.44 12.33 5.41
N ASP D 106 26.75 11.16 4.83
CA ASP D 106 26.36 10.77 3.46
C ASP D 106 24.86 10.57 3.25
N ILE D 107 24.07 10.75 4.31
CA ILE D 107 22.63 10.54 4.27
C ILE D 107 21.94 11.63 3.43
N ALA D 108 20.73 11.32 3.00
CA ALA D 108 19.93 12.19 2.16
C ALA D 108 18.94 13.08 2.93
N GLY D 109 18.65 12.68 4.17
CA GLY D 109 17.66 13.39 5.03
C GLY D 109 17.74 12.76 6.40
N ASN D 110 17.06 13.34 7.37
CA ASN D 110 17.25 12.94 8.77
C ASN D 110 16.07 13.42 9.57
N VAL D 111 15.19 12.51 9.99
CA VAL D 111 13.91 12.93 10.65
C VAL D 111 13.96 12.42 12.08
N GLN D 112 14.34 13.30 13.01
CA GLN D 112 14.64 12.85 14.33
C GLN D 112 13.87 13.58 15.41
N PRO D 113 13.66 12.89 16.54
CA PRO D 113 13.21 13.60 17.74
C PRO D 113 14.34 14.38 18.38
N ASP D 114 13.99 15.36 19.22
CA ASP D 114 14.99 16.05 20.02
C ASP D 114 15.11 15.26 21.32
N ASP D 115 15.96 14.23 21.26
CA ASP D 115 16.09 13.30 22.36
C ASP D 115 16.87 13.89 23.55
N VAL D 116 17.77 14.84 23.30
CA VAL D 116 18.46 15.50 24.41
C VAL D 116 17.40 16.26 25.20
N ALA D 117 16.54 17.00 24.51
CA ALA D 117 15.48 17.77 25.18
C ALA D 117 14.50 16.88 25.91
N ALA D 118 14.12 15.74 25.29
CA ALA D 118 13.29 14.75 25.95
C ALA D 118 13.91 14.22 27.24
N GLY D 119 15.20 13.89 27.20
CA GLY D 119 15.89 13.42 28.40
C GLY D 119 15.91 14.47 29.49
N ALA D 120 16.19 15.72 29.13
CA ALA D 120 16.16 16.83 30.10
C ALA D 120 14.73 17.01 30.67
N GLN D 121 13.73 16.89 29.80
CA GLN D 121 12.34 17.05 30.19
C GLN D 121 11.90 16.00 31.19
N GLU D 122 12.28 14.74 30.95
CA GLU D 122 11.89 13.69 31.89
C GLU D 122 12.64 13.82 33.22
N MET D 123 13.92 14.16 33.15
CA MET D 123 14.66 14.39 34.40
C MET D 123 14.11 15.59 35.17
N GLN D 124 13.69 16.64 34.47
CA GLN D 124 13.17 17.82 35.11
C GLN D 124 11.87 17.46 35.82
N MET D 125 11.03 16.64 35.18
CA MET D 125 9.79 16.17 35.84
C MET D 125 10.15 15.48 37.15
N MET D 126 11.20 14.65 37.12
CA MET D 126 11.62 13.91 38.31
C MET D 126 12.21 14.85 39.37
N ALA D 127 13.06 15.80 38.95
CA ALA D 127 13.60 16.82 39.89
C ALA D 127 12.49 17.57 40.60
N ASP D 128 11.49 17.97 39.82
CA ASP D 128 10.33 18.69 40.35
C ASP D 128 9.56 17.86 41.39
N ARG D 129 9.25 16.61 41.04
CA ARG D 129 8.51 15.73 41.95
C ARG D 129 9.28 15.50 43.28
N LEU D 130 10.60 15.27 43.16
CA LEU D 130 11.43 15.01 44.33
C LEU D 130 11.82 16.26 45.11
N GLY D 131 11.40 17.44 44.68
CA GLY D 131 11.85 18.69 45.32
C GLY D 131 13.37 18.84 45.27
N GLY D 132 13.98 18.41 44.16
CA GLY D 132 15.41 18.61 43.94
C GLY D 132 16.36 17.81 44.80
N LYS D 133 15.86 16.75 45.46
CA LYS D 133 16.68 15.94 46.38
C LYS D 133 16.24 14.47 46.34
N GLY D 134 17.19 13.54 46.48
CA GLY D 134 16.89 12.11 46.57
C GLY D 134 17.75 11.22 45.68
N ASN D 135 17.51 9.90 45.75
CA ASN D 135 18.22 8.89 44.97
C ASN D 135 17.39 8.28 43.87
N ILE D 136 17.94 8.24 42.66
CA ILE D 136 17.26 7.65 41.50
C ILE D 136 18.07 6.52 40.83
N VAL D 137 17.36 5.75 40.01
CA VAL D 137 17.99 4.81 39.12
C VAL D 137 17.57 5.18 37.70
N ILE D 138 18.45 4.93 36.73
CA ILE D 138 18.15 5.26 35.35
C ILE D 138 18.11 3.97 34.50
N LEU D 139 16.98 3.72 33.84
CA LEU D 139 16.86 2.66 32.82
C LEU D 139 17.12 3.24 31.44
N GLN D 140 18.15 2.72 30.79
CA GLN D 140 18.59 3.23 29.50
C GLN D 140 18.06 2.38 28.34
N GLY D 141 17.95 3.03 27.18
CA GLY D 141 17.81 2.30 25.93
C GLY D 141 19.09 1.52 25.55
N PRO D 142 19.05 0.86 24.41
CA PRO D 142 20.22 0.08 23.96
C PRO D 142 21.46 0.97 23.95
N LEU D 143 22.53 0.50 24.57
CA LEU D 143 23.72 1.32 24.70
C LEU D 143 24.20 1.62 23.30
N GLY D 144 24.42 2.88 23.02
CA GLY D 144 25.04 3.30 21.76
C GLY D 144 24.03 3.60 20.66
N GLN D 145 22.74 3.39 20.93
CA GLN D 145 21.72 3.87 20.00
C GLN D 145 21.55 5.37 20.28
N SER D 146 21.24 6.19 19.27
CA SER D 146 21.28 7.65 19.46
C SER D 146 20.32 8.09 20.58
N GLY D 147 19.16 7.47 20.67
CA GLY D 147 18.20 7.88 21.74
C GLY D 147 18.69 7.65 23.17
N GLU D 148 19.47 6.60 23.36
CA GLU D 148 20.11 6.36 24.64
C GLU D 148 21.16 7.40 24.93
N LEU D 149 22.08 7.62 23.97
CA LEU D 149 23.13 8.60 24.14
C LEU D 149 22.54 9.99 24.40
N ASP D 150 21.50 10.35 23.64
CA ASP D 150 21.01 11.70 23.68
C ASP D 150 20.20 11.90 24.96
N ARG D 151 19.32 10.97 25.27
CA ARG D 151 18.51 11.11 26.50
C ARG D 151 19.43 11.08 27.72
N SER D 152 20.48 10.28 27.69
CA SER D 152 21.46 10.29 28.78
C SER D 152 22.07 11.67 28.96
N LYS D 153 22.47 12.29 27.86
CA LYS D 153 23.07 13.62 27.92
C LYS D 153 22.11 14.65 28.54
N GLY D 154 20.86 14.60 28.10
CA GLY D 154 19.83 15.48 28.61
C GLY D 154 19.57 15.31 30.09
N ILE D 155 19.46 14.06 30.51
CA ILE D 155 19.30 13.73 31.91
C ILE D 155 20.49 14.30 32.72
N GLU D 156 21.71 14.07 32.22
CA GLU D 156 22.94 14.56 32.88
C GLU D 156 22.95 16.09 33.00
N GLN D 157 22.46 16.79 31.97
CA GLN D 157 22.43 18.26 32.00
C GLN D 157 21.52 18.79 33.10
N VAL D 158 20.40 18.11 33.33
CA VAL D 158 19.51 18.51 34.40
C VAL D 158 20.10 18.13 35.76
N LEU D 159 20.69 16.94 35.86
CA LEU D 159 21.40 16.54 37.10
C LEU D 159 22.50 17.52 37.53
N ALA D 160 23.14 18.17 36.56
CA ALA D 160 24.12 19.20 36.87
C ALA D 160 23.52 20.39 37.63
N LYS D 161 22.21 20.59 37.53
CA LYS D 161 21.50 21.67 38.27
C LYS D 161 20.95 21.23 39.63
N TYR D 162 20.94 19.92 39.90
CA TYR D 162 20.38 19.40 41.15
C TYR D 162 21.38 18.47 41.84
N PRO D 163 22.43 19.05 42.47
CA PRO D 163 23.44 18.24 43.14
C PRO D 163 22.93 17.30 44.24
N ASP D 164 21.79 17.60 44.86
CA ASP D 164 21.25 16.70 45.91
C ASP D 164 20.49 15.50 45.35
N ILE D 165 20.44 15.36 44.03
CA ILE D 165 19.88 14.15 43.46
C ILE D 165 21.08 13.28 43.13
N LYS D 166 21.02 12.01 43.54
CA LYS D 166 22.11 11.06 43.35
C LYS D 166 21.65 9.89 42.56
N VAL D 167 22.49 9.45 41.64
CA VAL D 167 22.20 8.29 40.82
C VAL D 167 22.83 7.06 41.47
N LEU D 168 21.99 6.10 41.87
CA LEU D 168 22.50 4.87 42.48
C LEU D 168 23.05 3.90 41.46
N ALA D 169 22.41 3.86 40.29
CA ALA D 169 22.80 2.92 39.25
C ALA D 169 22.14 3.32 37.95
N LYS D 170 22.80 2.99 36.83
CA LYS D 170 22.14 3.08 35.54
C LYS D 170 22.54 1.86 34.72
N ASP D 171 21.61 1.37 33.93
CA ASP D 171 21.87 0.25 33.07
C ASP D 171 20.78 0.21 32.01
N THR D 172 21.10 -0.50 30.94
CA THR D 172 20.22 -0.67 29.82
C THR D 172 19.20 -1.79 30.03
N ALA D 173 17.98 -1.57 29.56
CA ALA D 173 17.00 -2.65 29.37
C ALA D 173 16.50 -2.69 27.91
N ASN D 174 17.28 -2.09 27.01
CA ASN D 174 17.11 -2.21 25.57
C ASN D 174 15.71 -1.86 25.04
N TRP D 175 15.05 -0.94 25.75
CA TRP D 175 13.70 -0.44 25.50
C TRP D 175 12.60 -1.40 25.92
N LYS D 176 12.98 -2.58 26.43
CA LYS D 176 12.05 -3.64 26.72
C LYS D 176 11.54 -3.66 28.17
N ARG D 177 10.24 -3.90 28.27
CA ARG D 177 9.54 -4.01 29.56
C ARG D 177 10.04 -5.15 30.42
N ASP D 178 10.15 -6.34 29.84
CA ASP D 178 10.54 -7.52 30.62
C ASP D 178 11.99 -7.43 31.09
N GLU D 179 12.88 -6.91 30.23
CA GLU D 179 14.26 -6.69 30.69
C GLU D 179 14.33 -5.72 31.83
N ALA D 180 13.46 -4.71 31.79
CA ALA D 180 13.38 -3.74 32.87
C ALA D 180 12.92 -4.34 34.21
N VAL D 181 11.96 -5.27 34.17
CA VAL D 181 11.51 -5.97 35.35
C VAL D 181 12.76 -6.58 35.99
N ASN D 182 13.55 -7.30 35.18
CA ASN D 182 14.70 -8.01 35.72
C ASN D 182 15.80 -7.10 36.29
N LYS D 183 16.12 -6.04 35.59
CA LYS D 183 17.09 -5.06 36.15
C LYS D 183 16.59 -4.40 37.43
N MET D 184 15.34 -3.96 37.42
CA MET D 184 14.77 -3.31 38.60
C MET D 184 14.78 -4.24 39.80
N LYS D 185 14.45 -5.50 39.56
CA LYS D 185 14.48 -6.50 40.61
C LYS D 185 15.87 -6.64 41.21
N ASN D 186 16.88 -6.61 40.35
CA ASN D 186 18.27 -6.69 40.80
C ASN D 186 18.63 -5.51 41.69
N TRP D 187 18.21 -4.31 41.26
CA TRP D 187 18.49 -3.09 41.97
C TRP D 187 17.76 -3.02 43.30
N ILE D 188 16.55 -3.57 43.36
CA ILE D 188 15.75 -3.54 44.58
C ILE D 188 16.40 -4.40 45.67
N SER D 189 16.88 -5.57 45.30
CA SER D 189 17.65 -6.39 46.24
C SER D 189 18.99 -5.72 46.59
N GLY D 190 19.64 -5.07 45.63
CA GLY D 190 20.92 -4.42 45.91
C GLY D 190 20.81 -3.26 46.92
N PHE D 191 19.83 -2.38 46.72
CA PHE D 191 19.72 -1.17 47.54
C PHE D 191 18.31 -0.56 47.51
N GLY D 192 17.29 -1.42 47.51
CA GLY D 192 15.92 -1.00 47.22
C GLY D 192 15.33 0.10 48.08
N PRO D 193 15.54 0.05 49.40
CA PRO D 193 14.89 1.04 50.25
C PRO D 193 15.41 2.48 50.07
N GLN D 194 16.57 2.62 49.44
CA GLN D 194 17.15 3.93 49.13
C GLN D 194 16.62 4.55 47.83
N ILE D 195 15.96 3.74 46.98
CA ILE D 195 15.45 4.24 45.72
C ILE D 195 14.25 5.17 45.92
N ASP D 196 14.41 6.42 45.53
CA ASP D 196 13.34 7.40 45.66
C ASP D 196 12.63 7.65 44.34
N GLY D 197 13.18 7.20 43.20
CA GLY D 197 12.53 7.47 41.93
C GLY D 197 13.22 6.73 40.79
N VAL D 198 12.50 6.53 39.70
CA VAL D 198 13.00 5.81 38.54
C VAL D 198 12.81 6.66 37.34
N VAL D 199 13.92 6.97 36.66
CA VAL D 199 13.91 7.73 35.45
C VAL D 199 14.13 6.73 34.33
N ALA D 200 13.06 6.44 33.59
CA ALA D 200 13.12 5.47 32.48
C ALA D 200 13.15 6.17 31.13
N GLN D 201 14.11 5.79 30.32
CA GLN D 201 14.26 6.43 29.04
C GLN D 201 13.13 6.14 28.04
N ASN D 202 12.28 5.14 28.33
CA ASN D 202 10.99 5.00 27.67
C ASN D 202 9.89 4.44 28.61
N ASP D 203 8.66 4.55 28.17
CA ASP D 203 7.52 4.07 28.95
C ASP D 203 7.60 2.59 29.28
N ASP D 204 7.91 1.75 28.30
CA ASP D 204 7.98 0.30 28.51
C ASP D 204 8.90 -0.07 29.65
N MET D 205 10.05 0.60 29.74
CA MET D 205 11.02 0.28 30.78
C MET D 205 10.47 0.79 32.13
N GLY D 206 9.80 1.94 32.09
CA GLY D 206 9.12 2.45 33.29
C GLY D 206 8.04 1.51 33.79
N LEU D 207 7.30 0.90 32.87
CA LEU D 207 6.27 -0.05 33.20
C LEU D 207 6.85 -1.37 33.76
N GLY D 208 7.98 -1.84 33.21
CA GLY D 208 8.68 -2.97 33.88
C GLY D 208 9.14 -2.61 35.28
N ALA D 209 9.65 -1.39 35.49
CA ALA D 209 10.09 -0.96 36.81
C ALA D 209 8.90 -0.92 37.78
N LEU D 210 7.78 -0.39 37.31
CA LEU D 210 6.54 -0.42 38.06
C LEU D 210 6.24 -1.82 38.57
N GLN D 211 6.27 -2.80 37.66
CA GLN D 211 5.86 -4.16 38.02
C GLN D 211 6.81 -4.82 39.05
N ALA D 212 8.12 -4.58 38.90
CA ALA D 212 9.11 -5.05 39.85
C ALA D 212 8.83 -4.45 41.23
N LEU D 213 8.64 -3.13 41.26
CA LEU D 213 8.38 -2.44 42.51
C LEU D 213 7.12 -3.02 43.17
N LYS D 214 6.10 -3.19 42.35
CA LYS D 214 4.84 -3.73 42.84
C LYS D 214 5.01 -5.13 43.42
N GLU D 215 5.81 -5.95 42.76
CA GLU D 215 6.00 -7.32 43.22
C GLU D 215 6.87 -7.39 44.49
N SER D 216 7.74 -6.40 44.70
CA SER D 216 8.58 -6.34 45.90
C SER D 216 7.86 -5.77 47.14
N GLY D 217 6.57 -5.44 47.01
CA GLY D 217 5.74 -4.99 48.13
C GLY D 217 5.72 -3.47 48.17
N ARG D 218 5.94 -2.80 47.04
CA ARG D 218 6.17 -1.37 47.08
C ARG D 218 5.36 -0.59 46.05
N THR D 219 4.80 0.53 46.49
CA THR D 219 3.89 1.33 45.66
C THR D 219 4.13 2.82 45.91
N GLY D 220 3.73 3.64 44.94
CA GLY D 220 3.83 5.09 45.05
C GLY D 220 5.16 5.70 44.68
N VAL D 221 6.07 4.88 44.17
CA VAL D 221 7.42 5.33 43.83
C VAL D 221 7.29 6.17 42.57
N PRO D 222 7.85 7.39 42.56
CA PRO D 222 7.73 8.18 41.35
C PRO D 222 8.46 7.50 40.19
N ILE D 223 7.81 7.49 39.02
CA ILE D 223 8.41 6.93 37.77
C ILE D 223 8.11 7.89 36.64
N VAL D 224 9.10 8.12 35.75
CA VAL D 224 8.90 9.01 34.62
C VAL D 224 9.36 8.24 33.38
N GLY D 225 8.60 8.36 32.30
CA GLY D 225 8.93 7.72 31.04
C GLY D 225 9.02 8.71 29.91
N ILE D 226 9.22 8.15 28.71
CA ILE D 226 9.13 8.87 27.43
C ILE D 226 8.43 7.97 26.41
N ASP D 227 7.53 8.59 25.65
CA ASP D 227 6.86 8.06 24.46
C ASP D 227 5.38 8.34 24.44
N GLY D 228 4.73 8.21 25.59
CA GLY D 228 3.32 8.24 25.59
C GLY D 228 2.66 7.15 24.77
N ILE D 229 3.20 5.94 24.82
CA ILE D 229 2.47 4.80 24.24
C ILE D 229 1.21 4.60 25.11
N GLU D 230 0.26 3.80 24.64
CA GLU D 230 -0.99 3.55 25.33
C GLU D 230 -0.83 3.30 26.83
N ASP D 231 -0.01 2.32 27.21
CA ASP D 231 0.10 1.98 28.62
C ASP D 231 0.81 3.05 29.46
N GLY D 232 1.69 3.81 28.83
CA GLY D 232 2.36 4.93 29.49
C GLY D 232 1.41 6.05 29.77
N LEU D 233 0.54 6.35 28.79
CA LEU D 233 -0.50 7.34 28.99
C LEU D 233 -1.43 6.88 30.10
N ASN D 234 -1.76 5.60 30.12
CA ASN D 234 -2.65 5.13 31.20
C ASN D 234 -2.02 5.32 32.57
N ALA D 235 -0.74 5.02 32.66
CA ALA D 235 0.00 5.19 33.90
C ALA D 235 0.10 6.66 34.31
N VAL D 236 0.17 7.61 33.37
CA VAL D 236 0.16 9.04 33.77
C VAL D 236 -1.20 9.38 34.39
N LYS D 237 -2.27 8.91 33.73
CA LYS D 237 -3.60 9.25 34.17
C LYS D 237 -3.90 8.67 35.54
N SER D 238 -3.35 7.48 35.82
CA SER D 238 -3.62 6.79 37.09
C SER D 238 -2.72 7.25 38.23
N GLY D 239 -1.64 7.94 37.92
CA GLY D 239 -0.62 8.28 38.90
C GLY D 239 0.51 7.26 39.01
N ASP D 240 0.48 6.18 38.25
CA ASP D 240 1.57 5.20 38.29
C ASP D 240 2.87 5.82 37.73
N PHE D 241 2.74 6.72 36.75
CA PHE D 241 3.84 7.59 36.28
C PHE D 241 3.53 9.03 36.70
N ILE D 242 4.57 9.82 36.94
CA ILE D 242 4.40 11.27 37.22
C ILE D 242 4.19 12.10 35.94
N GLY D 243 4.53 11.47 34.80
CA GLY D 243 4.36 12.07 33.52
C GLY D 243 5.11 11.27 32.47
N THR D 244 4.98 11.72 31.24
CA THR D 244 5.79 11.22 30.13
C THR D 244 5.97 12.33 29.10
N SER D 245 6.60 12.01 27.96
CA SER D 245 6.79 12.94 26.83
C SER D 245 6.20 12.26 25.61
N LEU D 246 5.29 12.91 24.87
CA LEU D 246 4.64 12.25 23.76
C LEU D 246 5.59 12.08 22.58
N GLN D 247 5.76 10.86 22.13
CA GLN D 247 6.40 10.61 20.85
C GLN D 247 5.48 9.75 20.08
N ASN D 248 4.63 10.39 19.28
CA ASN D 248 3.52 9.65 18.67
C ASN D 248 4.08 9.11 17.37
N GLY D 249 4.38 7.82 17.36
CA GLY D 249 5.06 7.21 16.20
C GLY D 249 4.24 7.29 14.94
N THR D 250 2.91 7.29 15.06
CA THR D 250 2.07 7.43 13.86
C THR D 250 2.37 8.73 13.15
N VAL D 251 2.59 9.78 13.94
CA VAL D 251 3.03 11.07 13.39
C VAL D 251 4.49 11.08 12.97
N GLU D 252 5.39 10.72 13.87
CA GLU D 252 6.80 10.87 13.57
C GLU D 252 7.25 9.97 12.43
N LEU D 253 6.78 8.73 12.43
CA LEU D 253 7.19 7.79 11.40
C LEU D 253 6.57 8.16 10.04
N ALA D 254 5.32 8.65 10.03
CA ALA D 254 4.72 9.09 8.75
C ALA D 254 5.45 10.34 8.24
N ALA D 255 5.88 11.21 9.15
CA ALA D 255 6.67 12.38 8.68
C ALA D 255 7.95 11.90 7.99
N GLY D 256 8.59 10.88 8.57
CA GLY D 256 9.80 10.36 7.97
C GLY D 256 9.52 9.76 6.61
N LEU D 257 8.46 8.97 6.53
CA LEU D 257 8.01 8.43 5.23
C LEU D 257 7.77 9.53 4.18
N ALA D 258 7.11 10.62 4.58
CA ALA D 258 6.76 11.66 3.62
C ALA D 258 8.03 12.36 3.14
N VAL D 259 9.01 12.58 4.02
CA VAL D 259 10.31 13.13 3.62
C VAL D 259 11.00 12.21 2.64
N ALA D 260 11.09 10.94 3.00
CA ALA D 260 11.73 9.95 2.10
C ALA D 260 11.03 9.90 0.72
N ASN D 261 9.70 9.95 0.75
CA ASN D 261 8.90 9.96 -0.50
C ASN D 261 9.25 11.17 -1.39
N ARG D 262 9.23 12.35 -0.78
CA ARG D 262 9.50 13.55 -1.56
C ARG D 262 10.95 13.53 -2.11
N LEU D 263 11.89 13.08 -1.28
CA LEU D 263 13.29 12.95 -1.80
C LEU D 263 13.40 11.97 -2.95
N ALA D 264 12.73 10.84 -2.85
CA ALA D 264 12.75 9.84 -3.91
C ALA D 264 12.28 10.43 -5.24
N LYS D 265 11.31 11.32 -5.17
CA LYS D 265 10.70 11.91 -6.38
C LYS D 265 11.35 13.21 -6.81
N GLY D 266 12.39 13.66 -6.08
CA GLY D 266 13.05 14.92 -6.42
C GLY D 266 12.23 16.15 -6.16
N GLU D 267 11.26 16.03 -5.25
CA GLU D 267 10.34 17.11 -4.94
C GLU D 267 10.97 17.86 -3.78
N PRO D 268 10.79 19.19 -3.76
CA PRO D 268 11.43 19.99 -2.71
C PRO D 268 10.86 19.62 -1.35
N VAL D 269 11.71 19.55 -0.33
CA VAL D 269 11.23 19.21 1.00
C VAL D 269 12.28 19.61 2.00
N ASN D 270 11.84 19.93 3.21
CA ASN D 270 12.72 20.09 4.35
C ASN D 270 13.27 18.73 4.72
N LYS D 271 14.57 18.52 4.51
CA LYS D 271 15.14 17.17 4.65
C LYS D 271 15.42 16.78 6.08
N GLU D 272 15.38 17.76 7.00
CA GLU D 272 15.79 17.53 8.39
C GLU D 272 14.87 18.18 9.43
N PRO D 273 13.57 17.90 9.34
CA PRO D 273 12.67 18.40 10.40
C PRO D 273 12.93 17.72 11.72
N VAL D 274 12.61 18.41 12.82
CA VAL D 274 12.84 17.88 14.15
C VAL D 274 11.53 17.72 14.91
N TYR D 275 11.36 16.54 15.54
CA TYR D 275 10.17 16.23 16.37
C TYR D 275 10.41 16.59 17.84
N ILE D 276 9.69 17.59 18.35
CA ILE D 276 9.84 18.07 19.71
C ILE D 276 8.69 17.42 20.50
N MET D 277 9.04 16.60 21.50
CA MET D 277 8.07 15.85 22.28
C MET D 277 7.44 16.72 23.34
N PRO D 278 6.11 16.87 23.30
CA PRO D 278 5.52 17.73 24.29
C PRO D 278 5.33 16.95 25.58
N ALA D 279 5.48 17.65 26.69
CA ALA D 279 5.26 17.06 28.01
C ALA D 279 3.80 16.64 28.13
N ILE D 280 3.61 15.45 28.69
CA ILE D 280 2.31 14.89 29.01
C ILE D 280 2.21 14.72 30.54
N THR D 281 1.11 15.22 31.09
CA THR D 281 0.82 15.18 32.53
C THR D 281 -0.66 14.89 32.68
N LYS D 282 -1.13 14.75 33.91
CA LYS D 282 -2.56 14.57 34.13
C LYS D 282 -3.43 15.65 33.48
N ASP D 283 -2.90 16.85 33.28
CA ASP D 283 -3.78 17.90 32.74
C ASP D 283 -3.90 17.93 31.20
N ASN D 284 -3.07 17.17 30.48
CA ASN D 284 -3.32 16.99 29.05
C ASN D 284 -3.30 15.53 28.53
N VAL D 285 -3.20 14.55 29.43
CA VAL D 285 -3.13 13.14 29.03
C VAL D 285 -4.41 12.68 28.34
N ASP D 286 -5.56 13.27 28.69
CA ASP D 286 -6.82 12.88 28.06
C ASP D 286 -6.82 13.09 26.54
N VAL D 287 -6.23 14.21 26.08
CA VAL D 287 -6.16 14.50 24.65
C VAL D 287 -5.21 13.53 23.94
N ALA D 288 -4.11 13.19 24.60
CA ALA D 288 -3.17 12.21 24.03
C ALA D 288 -3.83 10.83 23.89
N ILE D 289 -4.63 10.47 24.89
CA ILE D 289 -5.38 9.20 24.86
C ILE D 289 -6.40 9.11 23.70
N GLU D 290 -7.12 10.18 23.42
CA GLU D 290 -7.98 10.24 22.22
C GLU D 290 -7.19 9.95 20.94
N HIS D 291 -6.04 10.58 20.79
CA HIS D 291 -5.33 10.51 19.52
C HIS D 291 -4.63 9.17 19.34
N VAL D 292 -4.05 8.68 20.42
CA VAL D 292 -3.25 7.43 20.39
C VAL D 292 -4.10 6.19 20.55
N VAL D 293 -5.19 6.31 21.30
CA VAL D 293 -5.94 5.13 21.74
C VAL D 293 -7.39 5.14 21.32
N THR D 294 -8.20 5.98 21.95
CA THR D 294 -9.65 5.80 21.89
C THR D 294 -10.29 6.42 20.64
N GLU D 295 -9.70 7.46 20.08
CA GLU D 295 -10.16 8.00 18.79
C GLU D 295 -9.03 7.86 17.76
N ARG D 296 -8.34 6.72 17.79
CA ARG D 296 -7.16 6.52 16.96
C ARG D 296 -7.45 6.40 15.46
N GLN D 297 -8.56 5.76 15.12
CA GLN D 297 -8.94 5.65 13.73
C GLN D 297 -9.26 7.03 13.13
N GLN D 298 -10.00 7.85 13.88
CA GLN D 298 -10.30 9.19 13.40
C GLN D 298 -8.98 9.94 13.13
N PHE D 299 -7.99 9.74 13.98
CA PHE D 299 -6.73 10.43 13.91
C PHE D 299 -5.96 9.92 12.70
N LEU D 300 -5.94 8.60 12.50
CA LEU D 300 -5.30 8.04 11.32
C LEU D 300 -5.94 8.52 10.02
N ASP D 301 -7.25 8.68 10.02
CA ASP D 301 -7.98 9.16 8.84
C ASP D 301 -7.64 10.62 8.46
N GLY D 302 -7.16 11.38 9.44
CA GLY D 302 -6.75 12.77 9.17
C GLY D 302 -5.23 12.94 9.07
N LEU D 303 -4.47 11.83 9.13
CA LEU D 303 -3.06 11.88 9.33
C LEU D 303 -2.31 12.40 8.11
N THR D 304 -2.69 11.94 6.92
CA THR D 304 -2.00 12.41 5.71
C THR D 304 -2.05 13.95 5.59
N GLU D 305 -3.23 14.51 5.84
CA GLU D 305 -3.44 15.95 5.82
C GLU D 305 -2.53 16.65 6.85
N LEU D 306 -2.47 16.08 8.04
CA LEU D 306 -1.66 16.63 9.13
C LEU D 306 -0.15 16.62 8.78
N ILE D 307 0.33 15.50 8.28
CA ILE D 307 1.75 15.32 7.95
C ILE D 307 2.13 16.30 6.85
N ASN D 308 1.30 16.39 5.84
CA ASN D 308 1.62 17.32 4.77
C ASN D 308 1.76 18.78 5.21
N LYS D 309 0.94 19.21 6.17
CA LYS D 309 1.04 20.55 6.67
C LYS D 309 2.32 20.67 7.47
N ASN D 310 2.55 19.71 8.35
CA ASN D 310 3.69 19.77 9.27
C ASN D 310 5.02 19.72 8.54
N LEU D 311 5.07 19.10 7.37
CA LEU D 311 6.33 19.10 6.59
C LEU D 311 6.74 20.53 6.18
N GLU D 312 5.75 21.40 5.93
CA GLU D 312 6.04 22.76 5.48
C GLU D 312 6.47 23.69 6.60
N THR D 313 5.93 23.48 7.79
CA THR D 313 6.35 24.25 8.94
C THR D 313 7.64 23.67 9.55
N GLY D 314 7.87 22.39 9.34
CA GLY D 314 8.97 21.69 9.98
C GLY D 314 8.61 21.23 11.39
N ASP D 315 7.46 21.63 11.90
CA ASP D 315 7.03 21.25 13.26
C ASP D 315 6.29 19.89 13.25
N ILE D 316 7.05 18.85 13.03
CA ILE D 316 6.51 17.55 12.72
C ILE D 316 5.84 16.87 13.91
N ALA D 317 6.04 17.41 15.10
CA ALA D 317 5.33 16.91 16.25
C ALA D 317 3.89 17.43 16.40
N TYR D 318 3.48 18.46 15.64
CA TYR D 318 2.21 19.11 15.89
C TYR D 318 1.07 18.12 15.64
N GLU D 319 0.22 17.90 16.66
CA GLU D 319 -1.02 17.17 16.46
C GLU D 319 -2.16 17.73 17.28
N GLY D 320 -2.01 18.98 17.70
CA GLY D 320 -3.05 19.67 18.43
C GLY D 320 -3.07 19.37 19.89
N ILE D 321 -1.96 18.89 20.47
CA ILE D 321 -1.79 18.86 21.93
C ILE D 321 -1.71 20.34 22.36
N PRO D 322 -2.54 20.76 23.33
CA PRO D 322 -2.51 22.21 23.61
C PRO D 322 -1.12 22.74 24.03
N GLY D 323 -0.69 23.86 23.46
CA GLY D 323 0.65 24.40 23.72
C GLY D 323 1.46 24.35 22.46
N GLN D 324 1.07 23.43 21.58
CA GLN D 324 1.72 23.32 20.29
C GLN D 324 1.18 24.43 19.36
O6 3VB E . 1.57 -16.69 12.27
C11 3VB E . 0.51 -16.99 11.40
C13 3VB E . -0.71 -17.45 12.19
O7 3VB E . -0.40 -18.68 12.89
C14 3VB E . -1.12 -16.43 13.24
O8 3VB E . -2.38 -16.94 13.77
C15 3VB E . -1.30 -15.03 12.68
OAA 3VB E . -1.72 -14.07 13.66
O6 3VB F . -6.08 32.13 -4.81
C11 3VB F . -5.48 30.83 -4.87
C13 3VB F . -4.98 30.53 -6.28
O7 3VB F . -3.92 31.44 -6.59
C14 3VB F . -4.41 29.12 -6.41
O8 3VB F . -4.11 28.88 -7.79
C15 3VB F . -5.36 28.03 -5.93
OAA 3VB F . -6.62 28.20 -6.50
O6 3VB G . -4.08 -17.53 -29.61
C11 3VB G . -5.01 -18.52 -29.27
C13 3VB G . -5.59 -18.29 -27.91
O7 3VB G . -6.36 -17.04 -27.85
C14 3VB G . -6.62 -19.34 -27.52
O8 3VB G . -7.03 -19.15 -26.16
C15 3VB G . -6.12 -20.76 -27.72
OAA 3VB G . -4.94 -21.00 -26.98
O6 3VB H . 12.36 4.11 18.94
C11 3VB H . 13.39 4.51 19.84
C13 3VB H . 12.92 5.59 20.82
O7 3VB H . 12.75 6.80 20.12
C14 3VB H . 11.66 5.17 21.55
O8 3VB H . 11.41 6.18 22.53
C15 3VB H . 11.83 3.82 22.20
OAA 3VB H . 10.62 3.46 22.84
#